data_4GJ6
#
_entry.id   4GJ6
#
_cell.length_a   67.006
_cell.length_b   110.930
_cell.length_c   130.366
_cell.angle_alpha   90.00
_cell.angle_beta   90.00
_cell.angle_gamma   90.00
#
_symmetry.space_group_name_H-M   'P 21 21 21'
#
loop_
_entity.id
_entity.type
_entity.pdbx_description
1 polymer Renin
2 non-polymer 2-acetamido-2-deoxy-beta-D-glucopyranose
3 non-polymer N-{[(3S,4S)-4-benzylpyrrolidin-3-yl]methyl}-4-chloro-N-phenylaniline
4 non-polymer 'SULFATE ION'
5 water water
#
_entity_poly.entity_id   1
_entity_poly.type   'polypeptide(L)'
_entity_poly.pdbx_seq_one_letter_code
;LTLGNTTSSVILTNYMDTQYYGEIGIGTPPQTFKVVFDTGSSNVWVPSSKCSRLYTACVYHKLFDASDSSSYKHNGTELT
LRYSTGTVSGFLSQDIITVGGITVTQMFGEVTEMPALPFMLAEFDGVVGMGFIEQAIGRVTPIFDNIISQGVLKEDVFSF
YYNRDSENSQSLGGQIVLGGSDPQHYEGNFHYINLIKTGVWQIQMKGVSVGSSTLLCEDGCLALVDTGASYISGSTSSIE
KLMEALGAKKRLFDYVVKCNEGPTLPDISFHLGGKEYTLTSADYVFQESYSSKKLCTLAIHAMDIPPPTGPTWALGATFI
RKFYTEFDRRNNRIGFALAR
;
_entity_poly.pdbx_strand_id   A,B
#
loop_
_chem_comp.id
_chem_comp.type
_chem_comp.name
_chem_comp.formula
0LS non-polymer N-{[(3S,4S)-4-benzylpyrrolidin-3-yl]methyl}-4-chloro-N-phenylaniline 'C24 H25 Cl N2'
NAG D-saccharide, beta linking 2-acetamido-2-deoxy-beta-D-glucopyranose 'C8 H15 N O6'
SO4 non-polymer 'SULFATE ION' 'O4 S -2'
#
# COMPACT_ATOMS: atom_id res chain seq x y z
N THR A 2 -44.27 3.10 -15.46
CA THR A 2 -45.54 2.53 -14.99
C THR A 2 -45.75 2.72 -13.47
N LEU A 3 -46.49 1.80 -12.81
CA LEU A 3 -46.80 1.82 -11.38
C LEU A 3 -45.57 1.46 -10.50
N GLY A 4 -45.12 2.45 -9.71
CA GLY A 4 -43.98 2.35 -8.81
C GLY A 4 -44.32 1.89 -7.41
N ASN A 5 -44.18 0.57 -7.16
CA ASN A 5 -44.43 -0.12 -5.88
C ASN A 5 -43.28 -1.11 -5.67
N THR A 6 -42.25 -1.00 -6.53
CA THR A 6 -41.08 -1.89 -6.60
C THR A 6 -40.01 -1.64 -5.54
N THR A 7 -39.57 -2.73 -4.89
CA THR A 7 -38.51 -2.76 -3.89
C THR A 7 -37.54 -3.92 -4.20
N SER A 8 -36.58 -3.67 -5.12
CA SER A 8 -35.54 -4.61 -5.56
C SER A 8 -34.47 -4.89 -4.51
N SER A 9 -34.26 -6.16 -4.18
CA SER A 9 -33.25 -6.59 -3.23
C SER A 9 -32.05 -7.18 -3.98
N VAL A 10 -30.84 -6.68 -3.69
CA VAL A 10 -29.55 -7.17 -4.23
C VAL A 10 -28.83 -7.83 -3.08
N ILE A 11 -28.64 -9.13 -3.17
CA ILE A 11 -27.96 -9.91 -2.12
C ILE A 11 -26.47 -9.72 -2.28
N LEU A 12 -25.78 -9.49 -1.15
CA LEU A 12 -24.33 -9.27 -1.13
C LEU A 12 -23.59 -10.40 -0.48
N THR A 13 -22.34 -10.63 -0.90
CA THR A 13 -21.44 -11.60 -0.31
C THR A 13 -20.57 -10.77 0.61
N ASN A 14 -20.32 -11.28 1.82
CA ASN A 14 -19.43 -10.63 2.79
C ASN A 14 -18.11 -11.42 2.74
N TYR A 15 -17.03 -10.76 2.36
CA TYR A 15 -15.73 -11.41 2.37
C TYR A 15 -14.92 -10.81 3.49
N MET A 16 -14.71 -11.59 4.55
CA MET A 16 -13.88 -11.23 5.72
C MET A 16 -14.24 -9.91 6.42
N ASP A 17 -15.52 -9.44 6.32
CA ASP A 17 -15.96 -8.17 6.96
C ASP A 17 -15.32 -6.89 6.34
N THR A 18 -14.64 -7.05 5.19
CA THR A 18 -13.95 -5.96 4.49
C THR A 18 -14.46 -5.70 3.09
N GLN A 19 -14.97 -6.76 2.41
CA GLN A 19 -15.52 -6.61 1.06
C GLN A 19 -16.95 -7.07 1.00
N TYR A 20 -17.87 -6.18 0.57
CA TYR A 20 -19.29 -6.49 0.42
C TYR A 20 -19.71 -6.20 -1.02
N TYR A 21 -19.97 -7.27 -1.78
CA TYR A 21 -20.27 -7.16 -3.21
C TYR A 21 -21.42 -8.04 -3.66
N GLY A 22 -22.16 -7.52 -4.62
CA GLY A 22 -23.28 -8.17 -5.28
C GLY A 22 -23.11 -8.25 -6.80
N GLU A 23 -24.06 -8.87 -7.48
CA GLU A 23 -23.91 -8.92 -8.94
C GLU A 23 -24.80 -7.98 -9.74
N ILE A 24 -24.30 -7.63 -10.92
CA ILE A 24 -25.01 -6.85 -11.92
C ILE A 24 -24.78 -7.60 -13.25
N GLY A 25 -25.60 -7.29 -14.25
CA GLY A 25 -25.48 -7.87 -15.57
C GLY A 25 -25.37 -6.76 -16.58
N ILE A 26 -24.32 -6.79 -17.41
CA ILE A 26 -24.08 -5.76 -18.44
C ILE A 26 -24.14 -6.37 -19.84
N GLY A 27 -25.02 -5.82 -20.67
CA GLY A 27 -25.16 -6.20 -22.07
C GLY A 27 -26.24 -7.18 -22.45
N THR A 28 -26.32 -7.48 -23.75
CA THR A 28 -27.25 -8.44 -24.35
C THR A 28 -26.48 -9.56 -25.08
N PRO A 29 -26.45 -10.80 -24.58
CA PRO A 29 -27.03 -11.30 -23.30
C PRO A 29 -26.25 -10.75 -22.09
N PRO A 30 -26.74 -10.83 -20.83
CA PRO A 30 -25.98 -10.21 -19.73
C PRO A 30 -24.69 -10.87 -19.33
N GLN A 31 -23.64 -10.05 -19.22
CA GLN A 31 -22.33 -10.46 -18.74
C GLN A 31 -22.33 -10.09 -17.24
N THR A 32 -22.19 -11.06 -16.35
CA THR A 32 -22.26 -10.83 -14.91
C THR A 32 -20.95 -10.37 -14.30
N PHE A 33 -21.06 -9.43 -13.37
CA PHE A 33 -19.92 -8.87 -12.63
C PHE A 33 -20.22 -8.76 -11.15
N LYS A 34 -19.21 -9.01 -10.33
CA LYS A 34 -19.23 -8.85 -8.88
C LYS A 34 -18.88 -7.38 -8.70
N VAL A 35 -19.76 -6.60 -8.06
CA VAL A 35 -19.51 -5.18 -7.87
C VAL A 35 -19.72 -4.75 -6.42
N VAL A 36 -18.99 -3.72 -6.00
CA VAL A 36 -19.17 -3.06 -4.73
C VAL A 36 -20.10 -1.87 -5.06
N PHE A 37 -21.14 -1.68 -4.25
CA PHE A 37 -22.08 -0.59 -4.35
C PHE A 37 -21.60 0.46 -3.36
N ASP A 38 -21.06 1.54 -3.94
CA ASP A 38 -20.33 2.58 -3.24
C ASP A 38 -20.98 3.94 -3.20
N THR A 39 -21.41 4.37 -2.01
CA THR A 39 -22.00 5.70 -1.82
C THR A 39 -20.95 6.82 -1.85
N GLY A 40 -19.69 6.44 -1.71
CA GLY A 40 -18.56 7.36 -1.74
C GLY A 40 -18.14 7.79 -3.13
N SER A 41 -18.63 7.13 -4.19
CA SER A 41 -18.32 7.48 -5.59
C SER A 41 -19.58 7.51 -6.50
N SER A 42 -19.48 8.11 -7.71
CA SER A 42 -20.65 8.23 -8.59
C SER A 42 -20.54 7.61 -9.99
N ASN A 43 -19.42 6.95 -10.27
CA ASN A 43 -19.22 6.30 -11.58
C ASN A 43 -19.41 4.81 -11.50
N VAL A 44 -19.90 4.21 -12.60
CA VAL A 44 -20.00 2.76 -12.76
C VAL A 44 -18.77 2.38 -13.61
N TRP A 45 -18.03 1.33 -13.21
CA TRP A 45 -16.89 0.83 -13.97
C TRP A 45 -16.69 -0.64 -13.73
N VAL A 46 -16.26 -1.36 -14.77
CA VAL A 46 -15.92 -2.78 -14.76
C VAL A 46 -14.66 -2.96 -15.64
N PRO A 47 -13.83 -4.03 -15.45
CA PRO A 47 -12.68 -4.23 -16.33
C PRO A 47 -13.11 -4.54 -17.78
N SER A 48 -12.30 -4.08 -18.74
CA SER A 48 -12.58 -4.26 -20.16
C SER A 48 -11.85 -5.48 -20.71
N SER A 49 -12.39 -6.10 -21.79
CA SER A 49 -11.71 -7.20 -22.49
C SER A 49 -10.43 -6.63 -23.13
N LYS A 50 -10.43 -5.31 -23.37
CA LYS A 50 -9.32 -4.53 -23.92
C LYS A 50 -8.20 -4.26 -22.88
N CYS A 51 -8.24 -4.98 -21.75
CA CYS A 51 -7.25 -4.89 -20.69
C CYS A 51 -6.07 -5.87 -20.86
N SER A 52 -4.82 -5.32 -20.84
CA SER A 52 -3.52 -6.01 -21.01
C SER A 52 -3.19 -6.96 -19.83
N THR A 56 -2.09 -5.70 -15.35
CA THR A 56 -2.34 -7.12 -15.11
C THR A 56 -3.13 -7.49 -13.82
N ALA A 57 -3.77 -6.50 -13.17
CA ALA A 57 -4.68 -6.80 -12.04
C ALA A 57 -5.89 -7.46 -12.71
N CYS A 58 -6.25 -6.94 -13.91
CA CYS A 58 -7.32 -7.33 -14.84
C CYS A 58 -7.43 -8.79 -14.96
N VAL A 59 -6.32 -9.43 -15.33
CA VAL A 59 -6.13 -10.87 -15.49
C VAL A 59 -6.95 -11.65 -14.45
N TYR A 60 -7.00 -11.12 -13.23
CA TYR A 60 -7.69 -11.69 -12.09
C TYR A 60 -9.20 -11.42 -11.98
N HIS A 61 -9.75 -10.63 -12.92
CA HIS A 61 -11.17 -10.31 -12.87
C HIS A 61 -11.94 -10.68 -14.12
N LYS A 62 -13.26 -10.56 -14.06
CA LYS A 62 -14.13 -10.79 -15.22
C LYS A 62 -14.02 -9.54 -16.09
N LEU A 63 -13.88 -9.75 -17.40
CA LEU A 63 -13.71 -8.68 -18.37
C LEU A 63 -14.96 -8.50 -19.17
N PHE A 64 -15.33 -7.24 -19.45
CA PHE A 64 -16.50 -6.95 -20.25
C PHE A 64 -16.13 -7.01 -21.71
N ASP A 65 -16.88 -7.83 -22.48
CA ASP A 65 -16.65 -7.94 -23.93
C ASP A 65 -17.78 -7.30 -24.73
N ALA A 66 -17.58 -6.02 -25.12
CA ALA A 66 -18.52 -5.24 -25.94
C ALA A 66 -18.96 -5.99 -27.23
N SER A 67 -18.03 -6.77 -27.82
CA SER A 67 -18.23 -7.56 -29.04
C SER A 67 -19.24 -8.73 -28.87
N ASP A 68 -19.68 -8.95 -27.62
CA ASP A 68 -20.64 -10.00 -27.31
C ASP A 68 -21.94 -9.37 -26.91
N SER A 69 -22.07 -8.03 -27.08
CA SER A 69 -23.27 -7.29 -26.71
C SER A 69 -23.91 -6.59 -27.89
N SER A 70 -25.17 -6.98 -28.15
CA SER A 70 -25.97 -6.43 -29.25
C SER A 70 -26.53 -5.05 -28.89
N SER A 71 -26.67 -4.78 -27.58
CA SER A 71 -27.18 -3.52 -27.03
C SER A 71 -26.12 -2.47 -26.85
N TYR A 72 -24.79 -2.85 -26.92
CA TYR A 72 -23.70 -1.90 -26.78
C TYR A 72 -23.74 -0.73 -27.76
N LYS A 73 -23.45 0.46 -27.23
CA LYS A 73 -23.35 1.71 -27.98
C LYS A 73 -21.99 2.30 -27.64
N HIS A 74 -21.09 2.35 -28.62
CA HIS A 74 -19.73 2.92 -28.50
C HIS A 74 -19.76 4.38 -27.97
N ASN A 75 -18.67 4.80 -27.34
CA ASN A 75 -18.45 6.19 -26.91
C ASN A 75 -16.94 6.46 -27.03
N GLY A 76 -16.14 5.74 -26.23
CA GLY A 76 -14.69 5.83 -26.28
C GLY A 76 -14.01 7.02 -25.62
N THR A 77 -14.77 7.96 -25.03
CA THR A 77 -14.19 9.09 -24.29
C THR A 77 -13.37 8.55 -23.10
N GLU A 78 -12.14 9.03 -22.96
CA GLU A 78 -11.21 8.62 -21.89
C GLU A 78 -11.79 8.95 -20.49
N LEU A 79 -11.73 7.95 -19.59
CA LEU A 79 -12.17 8.02 -18.20
C LEU A 79 -10.97 7.76 -17.29
N THR A 80 -10.77 8.64 -16.32
CA THR A 80 -9.67 8.53 -15.36
C THR A 80 -10.22 8.73 -13.93
N LEU A 81 -10.11 7.67 -13.10
CA LEU A 81 -10.62 7.69 -11.73
C LEU A 81 -9.46 7.58 -10.73
N ARG A 82 -9.30 8.62 -9.93
CA ARG A 82 -8.28 8.71 -8.90
C ARG A 82 -8.66 7.91 -7.69
N TYR A 83 -7.79 6.96 -7.33
CA TYR A 83 -7.86 6.19 -6.08
C TYR A 83 -6.64 6.58 -5.21
N SER A 84 -6.63 6.23 -3.92
CA SER A 84 -5.50 6.60 -3.04
C SER A 84 -4.15 5.90 -3.37
N THR A 85 -4.21 4.80 -4.16
CA THR A 85 -3.05 4.02 -4.60
C THR A 85 -2.61 4.32 -6.05
N GLY A 86 -3.41 5.12 -6.78
CA GLY A 86 -3.15 5.44 -8.17
C GLY A 86 -4.39 5.60 -9.01
N THR A 87 -4.23 5.45 -10.34
CA THR A 87 -5.29 5.69 -11.31
C THR A 87 -5.97 4.45 -11.90
N VAL A 88 -7.34 4.47 -11.97
CA VAL A 88 -8.13 3.48 -12.71
C VAL A 88 -8.57 4.15 -14.01
N SER A 89 -7.96 3.71 -15.11
CA SER A 89 -8.11 4.29 -16.45
C SER A 89 -8.84 3.38 -17.41
N GLY A 90 -9.59 4.01 -18.30
CA GLY A 90 -10.36 3.35 -19.34
C GLY A 90 -11.09 4.32 -20.23
N PHE A 91 -12.22 3.88 -20.78
CA PHE A 91 -13.02 4.68 -21.70
C PHE A 91 -14.50 4.42 -21.46
N LEU A 92 -15.36 5.38 -21.83
CA LEU A 92 -16.78 5.26 -21.67
C LEU A 92 -17.41 4.37 -22.70
N SER A 93 -18.46 3.70 -22.29
CA SER A 93 -19.27 2.83 -23.13
C SER A 93 -20.69 2.89 -22.58
N GLN A 94 -21.63 2.54 -23.43
CA GLN A 94 -23.04 2.51 -23.03
C GLN A 94 -23.60 1.14 -23.30
N ASP A 95 -24.33 0.63 -22.31
CA ASP A 95 -25.00 -0.65 -22.45
C ASP A 95 -26.13 -0.72 -21.47
N ILE A 96 -26.91 -1.81 -21.53
CA ILE A 96 -28.03 -2.12 -20.66
C ILE A 96 -27.49 -2.84 -19.40
N ILE A 97 -27.76 -2.23 -18.23
CA ILE A 97 -27.33 -2.80 -16.96
C ILE A 97 -28.51 -3.29 -16.10
N THR A 98 -28.46 -4.56 -15.63
CA THR A 98 -29.46 -5.14 -14.72
C THR A 98 -28.95 -5.13 -13.28
N VAL A 99 -29.74 -4.59 -12.35
CA VAL A 99 -29.47 -4.53 -10.92
C VAL A 99 -30.80 -4.83 -10.21
N GLY A 100 -30.85 -5.95 -9.51
CA GLY A 100 -32.03 -6.41 -8.76
C GLY A 100 -33.32 -6.50 -9.55
N GLY A 101 -33.22 -6.74 -10.86
CA GLY A 101 -34.39 -6.81 -11.74
C GLY A 101 -34.60 -5.57 -12.61
N ILE A 102 -34.24 -4.39 -12.09
CA ILE A 102 -34.34 -3.11 -12.80
C ILE A 102 -33.26 -3.03 -13.88
N THR A 103 -33.66 -2.79 -15.12
CA THR A 103 -32.75 -2.67 -16.26
C THR A 103 -32.70 -1.21 -16.65
N VAL A 104 -31.49 -0.64 -16.79
CA VAL A 104 -31.32 0.75 -17.23
C VAL A 104 -30.21 0.85 -18.26
N THR A 105 -30.37 1.77 -19.21
CA THR A 105 -29.36 2.06 -20.22
C THR A 105 -28.38 2.97 -19.48
N GLN A 106 -27.16 2.49 -19.31
CA GLN A 106 -26.16 3.17 -18.54
C GLN A 106 -24.84 3.47 -19.27
N MET A 107 -24.28 4.65 -19.02
CA MET A 107 -22.95 5.03 -19.46
C MET A 107 -22.01 4.56 -18.34
N PHE A 108 -21.06 3.70 -18.68
CA PHE A 108 -20.13 3.15 -17.71
C PHE A 108 -18.74 3.14 -18.27
N GLY A 109 -17.77 2.95 -17.38
CA GLY A 109 -16.36 2.89 -17.75
C GLY A 109 -15.87 1.47 -17.99
N GLU A 110 -15.22 1.29 -19.15
CA GLU A 110 -14.57 0.05 -19.52
C GLU A 110 -13.08 0.29 -19.18
N VAL A 111 -12.65 -0.27 -18.05
CA VAL A 111 -11.33 -0.08 -17.46
C VAL A 111 -10.21 -0.92 -18.13
N THR A 112 -9.13 -0.24 -18.55
CA THR A 112 -7.95 -0.84 -19.19
C THR A 112 -6.65 -0.71 -18.36
N GLU A 113 -6.70 -0.08 -17.18
CA GLU A 113 -5.56 0.10 -16.28
C GLU A 113 -6.04 0.21 -14.85
N MET A 114 -5.57 -0.72 -14.03
CA MET A 114 -5.86 -0.80 -12.61
C MET A 114 -4.56 -0.90 -11.82
N PRO A 115 -4.38 -0.16 -10.70
CA PRO A 115 -3.15 -0.37 -9.90
C PRO A 115 -3.21 -1.75 -9.25
N ALA A 116 -2.05 -2.41 -9.06
CA ALA A 116 -2.04 -3.74 -8.46
C ALA A 116 -2.61 -3.69 -7.04
N LEU A 117 -2.43 -2.58 -6.36
CA LEU A 117 -3.01 -2.36 -5.05
C LEU A 117 -4.10 -1.31 -5.16
N PRO A 118 -5.33 -1.55 -4.67
CA PRO A 118 -5.80 -2.74 -3.93
C PRO A 118 -6.34 -3.90 -4.78
N PHE A 119 -6.48 -3.71 -6.09
CA PHE A 119 -7.12 -4.64 -7.02
C PHE A 119 -6.71 -6.10 -7.04
N MET A 120 -5.45 -6.40 -6.70
CA MET A 120 -5.00 -7.80 -6.60
C MET A 120 -5.71 -8.52 -5.44
N LEU A 121 -6.13 -7.75 -4.41
CA LEU A 121 -6.80 -8.24 -3.21
C LEU A 121 -8.31 -8.33 -3.35
N ALA A 122 -8.88 -7.58 -4.29
CA ALA A 122 -10.31 -7.50 -4.57
C ALA A 122 -10.93 -8.82 -4.99
N GLU A 123 -11.97 -9.26 -4.26
CA GLU A 123 -12.75 -10.45 -4.59
C GLU A 123 -13.84 -10.11 -5.65
N PHE A 124 -14.09 -8.81 -5.86
CA PHE A 124 -15.08 -8.23 -6.77
C PHE A 124 -14.41 -7.72 -8.05
N ASP A 125 -15.21 -7.50 -9.11
CA ASP A 125 -14.71 -7.08 -10.43
C ASP A 125 -14.68 -5.54 -10.61
N GLY A 126 -15.80 -4.89 -10.34
CA GLY A 126 -15.92 -3.45 -10.51
C GLY A 126 -16.65 -2.72 -9.40
N VAL A 127 -17.00 -1.45 -9.70
CA VAL A 127 -17.64 -0.54 -8.77
C VAL A 127 -18.90 0.07 -9.39
N VAL A 128 -19.96 0.21 -8.57
CA VAL A 128 -21.23 0.84 -8.92
C VAL A 128 -21.38 2.00 -7.92
N GLY A 129 -21.05 3.21 -8.37
CA GLY A 129 -21.13 4.39 -7.55
C GLY A 129 -22.58 4.76 -7.27
N MET A 130 -22.91 4.87 -5.97
CA MET A 130 -24.25 5.22 -5.45
C MET A 130 -24.34 6.68 -5.06
N GLY A 131 -23.30 7.44 -5.41
CA GLY A 131 -23.25 8.87 -5.14
C GLY A 131 -24.02 9.74 -6.12
N PHE A 132 -23.81 11.05 -6.04
CA PHE A 132 -24.50 12.02 -6.87
C PHE A 132 -23.73 12.39 -8.13
N ILE A 133 -24.43 12.92 -9.15
CA ILE A 133 -23.83 13.39 -10.40
C ILE A 133 -22.79 14.48 -10.15
N GLU A 134 -22.96 15.29 -9.08
CA GLU A 134 -22.02 16.38 -8.75
C GLU A 134 -20.58 15.88 -8.61
N GLN A 135 -20.39 14.61 -8.22
CA GLN A 135 -19.09 13.97 -8.07
C GLN A 135 -18.77 12.87 -9.15
N ALA A 136 -19.64 12.74 -10.19
CA ALA A 136 -19.42 11.78 -11.29
C ALA A 136 -18.35 12.34 -12.19
N ILE A 137 -17.33 11.54 -12.47
CA ILE A 137 -16.23 11.93 -13.35
C ILE A 137 -16.72 11.92 -14.79
N GLY A 138 -16.55 13.06 -15.44
CA GLY A 138 -17.02 13.31 -16.79
C GLY A 138 -18.48 13.69 -16.82
N ARG A 139 -19.04 14.04 -15.65
CA ARG A 139 -20.43 14.41 -15.42
C ARG A 139 -21.42 13.34 -15.90
N VAL A 140 -20.96 12.08 -15.94
CA VAL A 140 -21.74 10.91 -16.36
C VAL A 140 -22.89 10.66 -15.36
N THR A 141 -24.13 10.51 -15.87
CA THR A 141 -25.33 10.25 -15.09
C THR A 141 -25.21 8.96 -14.25
N PRO A 142 -25.30 9.06 -12.91
CA PRO A 142 -25.16 7.86 -12.06
C PRO A 142 -26.31 6.88 -12.20
N ILE A 143 -26.04 5.61 -11.90
CA ILE A 143 -27.03 4.55 -12.05
C ILE A 143 -28.36 4.83 -11.31
N PHE A 144 -28.28 5.31 -10.05
CA PHE A 144 -29.48 5.60 -9.28
C PHE A 144 -30.35 6.72 -9.88
N ASP A 145 -29.74 7.80 -10.40
CA ASP A 145 -30.47 8.85 -11.14
C ASP A 145 -31.29 8.23 -12.29
N ASN A 146 -30.66 7.30 -13.06
CA ASN A 146 -31.29 6.60 -14.17
C ASN A 146 -32.40 5.63 -13.72
N ILE A 147 -32.29 5.06 -12.51
CA ILE A 147 -33.33 4.18 -11.94
C ILE A 147 -34.48 5.08 -11.48
N ILE A 148 -34.15 6.25 -10.90
CA ILE A 148 -35.15 7.24 -10.46
C ILE A 148 -36.01 7.60 -11.66
N SER A 149 -35.37 8.01 -12.79
CA SER A 149 -35.95 8.36 -14.10
C SER A 149 -37.01 7.40 -14.59
N GLN A 150 -36.83 6.09 -14.36
CA GLN A 150 -37.78 5.07 -14.80
C GLN A 150 -39.14 5.13 -14.07
N GLY A 151 -39.20 5.84 -12.94
CA GLY A 151 -40.39 5.97 -12.08
C GLY A 151 -40.95 4.64 -11.62
N VAL A 152 -40.06 3.71 -11.27
CA VAL A 152 -40.39 2.31 -10.90
C VAL A 152 -40.35 2.06 -9.39
N LEU A 153 -39.52 2.81 -8.69
CA LEU A 153 -39.31 2.65 -7.27
C LEU A 153 -40.49 3.08 -6.43
N LYS A 154 -40.68 2.39 -5.26
CA LYS A 154 -41.72 2.70 -4.28
C LYS A 154 -41.37 4.08 -3.73
N GLU A 155 -40.12 4.25 -3.26
CA GLU A 155 -39.59 5.53 -2.78
C GLU A 155 -38.23 5.78 -3.43
N ASP A 156 -37.84 7.07 -3.57
CA ASP A 156 -36.54 7.46 -4.14
C ASP A 156 -35.39 7.27 -3.15
N VAL A 157 -35.34 6.07 -2.54
CA VAL A 157 -34.35 5.69 -1.52
C VAL A 157 -33.75 4.31 -1.81
N PHE A 158 -32.62 4.03 -1.16
CA PHE A 158 -31.93 2.75 -1.19
C PHE A 158 -31.31 2.53 0.18
N SER A 159 -31.26 1.27 0.61
CA SER A 159 -30.81 0.87 1.94
C SER A 159 -29.71 -0.17 1.91
N PHE A 160 -28.83 -0.16 2.94
CA PHE A 160 -27.75 -1.13 3.08
C PHE A 160 -27.79 -1.90 4.37
N TYR A 161 -27.63 -3.21 4.21
CA TYR A 161 -27.48 -4.14 5.30
C TYR A 161 -26.17 -4.87 5.07
N TYR A 162 -25.29 -4.82 6.07
CA TYR A 162 -23.99 -5.49 6.08
C TYR A 162 -24.01 -6.40 7.28
N ASN A 163 -23.79 -7.71 7.09
CA ASN A 163 -23.78 -8.64 8.21
C ASN A 163 -22.36 -8.86 8.71
N ARG A 164 -22.22 -9.57 9.86
CA ARG A 164 -20.97 -10.03 10.46
C ARG A 164 -20.87 -11.52 10.07
N ASP A 165 -19.85 -11.90 9.27
CA ASP A 165 -19.53 -13.26 8.77
C ASP A 165 -20.10 -14.50 9.54
N SER A 169 -20.63 -20.59 7.50
CA SER A 169 -22.06 -20.61 7.83
C SER A 169 -22.92 -19.98 6.71
N GLN A 170 -23.88 -20.74 6.16
CA GLN A 170 -24.75 -20.28 5.06
C GLN A 170 -25.84 -19.25 5.44
N SER A 171 -25.36 -18.06 5.86
CA SER A 171 -26.13 -16.88 6.24
C SER A 171 -25.89 -15.76 5.20
N LEU A 172 -26.74 -14.71 5.23
CA LEU A 172 -26.71 -13.54 4.33
C LEU A 172 -25.54 -12.59 4.61
N GLY A 173 -24.68 -12.36 3.62
CA GLY A 173 -23.53 -11.46 3.72
C GLY A 173 -23.93 -10.00 3.89
N GLY A 174 -24.88 -9.59 3.08
CA GLY A 174 -25.46 -8.26 3.13
C GLY A 174 -26.64 -8.19 2.19
N GLN A 175 -27.25 -7.00 2.08
CA GLN A 175 -28.38 -6.75 1.20
C GLN A 175 -28.57 -5.25 0.96
N ILE A 176 -28.94 -4.91 -0.29
CA ILE A 176 -29.29 -3.58 -0.77
C ILE A 176 -30.69 -3.63 -1.24
N VAL A 177 -31.52 -2.74 -0.70
CA VAL A 177 -32.91 -2.63 -1.08
C VAL A 177 -33.02 -1.36 -1.86
N LEU A 178 -33.50 -1.44 -3.11
CA LEU A 178 -33.70 -0.25 -3.95
C LEU A 178 -35.19 0.07 -3.90
N GLY A 179 -35.52 1.31 -3.54
CA GLY A 179 -36.90 1.74 -3.37
C GLY A 179 -37.45 1.66 -1.97
N GLY A 180 -36.63 1.26 -0.98
CA GLY A 180 -37.04 1.16 0.42
C GLY A 180 -36.06 0.50 1.36
N SER A 181 -36.53 0.01 2.52
CA SER A 181 -35.73 -0.65 3.56
C SER A 181 -36.32 -2.01 3.85
N ASP A 182 -35.52 -2.93 4.43
CA ASP A 182 -36.03 -4.23 4.80
C ASP A 182 -36.18 -4.29 6.31
N PRO A 183 -37.43 -4.16 6.82
CA PRO A 183 -37.63 -4.17 8.29
C PRO A 183 -37.12 -5.39 9.02
N GLN A 184 -36.85 -6.50 8.31
CA GLN A 184 -36.32 -7.71 8.92
C GLN A 184 -34.85 -7.53 9.31
N HIS A 185 -34.15 -6.59 8.67
CA HIS A 185 -32.75 -6.33 8.94
C HIS A 185 -32.46 -5.14 9.81
N TYR A 186 -33.52 -4.58 10.44
CA TYR A 186 -33.36 -3.48 11.39
C TYR A 186 -34.37 -3.52 12.50
N GLU A 187 -34.04 -2.97 13.65
CA GLU A 187 -34.97 -2.89 14.78
C GLU A 187 -35.27 -1.45 15.09
N GLY A 188 -36.51 -1.24 15.48
CA GLY A 188 -37.02 0.07 15.85
C GLY A 188 -37.29 0.90 14.64
N ASN A 189 -37.14 2.21 14.81
CA ASN A 189 -37.40 3.16 13.76
C ASN A 189 -36.14 3.89 13.42
N PHE A 190 -36.11 4.43 12.21
CA PHE A 190 -35.02 5.22 11.69
C PHE A 190 -34.94 6.56 12.32
N HIS A 191 -33.70 7.02 12.49
CA HIS A 191 -33.38 8.37 12.94
C HIS A 191 -32.70 9.01 11.73
N TYR A 192 -33.20 10.19 11.27
CA TYR A 192 -32.66 10.88 10.10
C TYR A 192 -31.71 12.03 10.43
N ILE A 193 -30.76 12.28 9.53
CA ILE A 193 -29.80 13.38 9.60
C ILE A 193 -29.78 13.96 8.20
N ASN A 194 -30.06 15.26 8.06
CA ASN A 194 -30.04 15.84 6.71
C ASN A 194 -28.61 15.99 6.22
N LEU A 195 -28.42 15.95 4.89
CA LEU A 195 -27.10 16.15 4.33
C LEU A 195 -26.71 17.59 4.51
N ILE A 196 -25.40 17.86 4.72
CA ILE A 196 -24.90 19.24 4.79
C ILE A 196 -25.37 19.97 3.50
N LYS A 197 -25.13 19.31 2.34
CA LYS A 197 -25.52 19.75 1.00
C LYS A 197 -25.76 18.52 0.13
N THR A 198 -26.63 18.67 -0.87
CA THR A 198 -26.89 17.65 -1.87
C THR A 198 -25.62 17.54 -2.75
N GLY A 199 -25.36 16.35 -3.30
CA GLY A 199 -24.17 16.16 -4.11
C GLY A 199 -23.14 15.22 -3.51
N VAL A 200 -23.26 14.98 -2.20
CA VAL A 200 -22.37 14.12 -1.41
C VAL A 200 -23.15 13.50 -0.23
N TRP A 201 -22.93 12.21 0.06
CA TRP A 201 -23.57 11.51 1.20
C TRP A 201 -22.75 11.79 2.47
N GLN A 202 -22.74 13.06 2.86
CA GLN A 202 -21.98 13.59 3.98
C GLN A 202 -22.90 14.41 4.87
N ILE A 203 -22.82 14.15 6.18
CA ILE A 203 -23.59 14.77 7.26
C ILE A 203 -22.62 15.41 8.27
N GLN A 204 -23.12 16.33 9.10
CA GLN A 204 -22.37 16.99 10.18
C GLN A 204 -22.25 16.02 11.36
N MET A 205 -21.06 15.93 11.95
CA MET A 205 -20.80 15.12 13.13
C MET A 205 -20.45 16.09 14.27
N LYS A 206 -21.06 15.90 15.44
CA LYS A 206 -20.90 16.83 16.55
C LYS A 206 -20.08 16.32 17.72
N GLY A 207 -19.30 15.29 17.48
CA GLY A 207 -18.40 14.74 18.48
C GLY A 207 -18.15 13.26 18.37
N VAL A 208 -16.92 12.85 18.78
CA VAL A 208 -16.48 11.44 18.83
C VAL A 208 -16.02 11.22 20.24
N SER A 209 -16.68 10.31 20.95
CA SER A 209 -16.33 10.05 22.35
C SER A 209 -15.80 8.66 22.65
N VAL A 210 -14.75 8.58 23.47
CA VAL A 210 -14.13 7.34 23.98
C VAL A 210 -14.67 7.22 25.40
N GLY A 211 -15.46 6.19 25.61
CA GLY A 211 -16.18 6.03 26.86
C GLY A 211 -17.28 7.08 26.97
N SER A 212 -17.29 7.84 28.08
CA SER A 212 -18.28 8.87 28.35
C SER A 212 -17.70 10.29 28.22
N SER A 213 -16.57 10.44 27.51
CA SER A 213 -15.92 11.73 27.32
C SER A 213 -15.57 12.01 25.86
N THR A 214 -16.05 13.17 25.33
CA THR A 214 -15.80 13.67 23.97
C THR A 214 -14.34 14.06 23.87
N LEU A 215 -13.62 13.28 23.10
CA LEU A 215 -12.19 13.41 22.94
C LEU A 215 -11.86 14.13 21.64
N LEU A 216 -12.72 13.95 20.64
CA LEU A 216 -12.51 14.55 19.32
C LEU A 216 -13.77 15.14 18.75
N CYS A 217 -13.58 15.99 17.69
CA CYS A 217 -14.65 16.60 16.91
C CYS A 217 -15.61 17.44 17.82
N GLU A 218 -15.05 17.99 18.92
CA GLU A 218 -15.77 18.80 19.89
C GLU A 218 -16.37 20.08 19.27
N ASP A 219 -15.67 20.67 18.27
CA ASP A 219 -16.14 21.85 17.56
C ASP A 219 -16.89 21.52 16.25
N GLY A 220 -17.25 20.25 16.07
CA GLY A 220 -17.90 19.74 14.88
C GLY A 220 -16.94 19.36 13.77
N CYS A 221 -17.35 18.37 12.98
CA CYS A 221 -16.62 17.87 11.82
C CYS A 221 -17.58 17.19 10.83
N LEU A 222 -17.09 16.75 9.67
CA LEU A 222 -17.89 16.06 8.66
C LEU A 222 -17.77 14.53 8.76
N ALA A 223 -18.85 13.83 8.39
CA ALA A 223 -18.84 12.37 8.34
C ALA A 223 -19.44 11.94 7.02
N LEU A 224 -18.65 11.22 6.23
CA LEU A 224 -19.09 10.68 4.96
C LEU A 224 -19.62 9.26 5.22
N VAL A 225 -20.87 8.99 4.80
CA VAL A 225 -21.45 7.66 5.00
C VAL A 225 -21.14 6.84 3.71
N ASP A 226 -19.98 6.16 3.72
CA ASP A 226 -19.38 5.44 2.61
C ASP A 226 -19.49 3.93 2.73
N THR A 227 -20.37 3.35 1.92
CA THR A 227 -20.63 1.92 1.89
C THR A 227 -19.47 1.16 1.22
N GLY A 228 -18.67 1.89 0.45
CA GLY A 228 -17.53 1.38 -0.29
C GLY A 228 -16.25 1.26 0.53
N ALA A 229 -16.20 1.92 1.69
CA ALA A 229 -15.08 1.89 2.62
C ALA A 229 -15.25 0.72 3.60
N SER A 230 -14.19 -0.06 3.83
CA SER A 230 -14.18 -1.26 4.69
C SER A 230 -14.36 -0.93 6.17
N TYR A 231 -13.82 0.23 6.60
CA TYR A 231 -13.73 0.64 7.98
C TYR A 231 -14.34 2.00 8.29
N ILE A 232 -14.25 2.42 9.58
CA ILE A 232 -14.53 3.75 10.05
C ILE A 232 -13.16 4.45 9.89
N SER A 233 -13.15 5.65 9.32
CA SER A 233 -11.90 6.36 9.18
C SER A 233 -11.98 7.85 9.57
N GLY A 234 -10.85 8.37 10.00
CA GLY A 234 -10.65 9.77 10.31
C GLY A 234 -9.33 10.19 9.69
N SER A 235 -9.02 11.48 9.79
CA SER A 235 -7.75 12.03 9.31
C SER A 235 -6.63 11.41 10.12
N THR A 236 -5.39 11.44 9.58
CA THR A 236 -4.20 10.92 10.27
C THR A 236 -4.14 11.47 11.70
N SER A 237 -4.31 12.81 11.89
CA SER A 237 -4.24 13.39 13.23
C SER A 237 -5.36 12.94 14.18
N SER A 238 -6.58 12.73 13.66
CA SER A 238 -7.71 12.28 14.49
C SER A 238 -7.47 10.87 14.97
N ILE A 239 -7.02 9.98 14.06
CA ILE A 239 -6.78 8.57 14.37
C ILE A 239 -5.54 8.41 15.28
N GLU A 240 -4.50 9.27 15.14
CA GLU A 240 -3.32 9.26 16.03
C GLU A 240 -3.77 9.54 17.45
N LYS A 241 -4.69 10.50 17.65
CA LYS A 241 -5.22 10.87 18.97
C LYS A 241 -6.15 9.82 19.55
N LEU A 242 -7.06 9.26 18.72
CA LEU A 242 -8.04 8.22 19.08
C LEU A 242 -7.34 6.92 19.48
N MET A 243 -6.30 6.53 18.73
CA MET A 243 -5.52 5.33 18.99
C MET A 243 -4.68 5.44 20.24
N GLU A 244 -4.22 6.67 20.53
CA GLU A 244 -3.47 6.98 21.75
C GLU A 244 -4.40 6.72 22.94
N ALA A 245 -5.63 7.24 22.88
CA ALA A 245 -6.66 7.06 23.91
C ALA A 245 -7.01 5.60 24.16
N LEU A 246 -7.10 4.79 23.08
CA LEU A 246 -7.44 3.36 23.13
C LEU A 246 -6.25 2.50 23.58
N GLY A 247 -5.05 3.06 23.47
CA GLY A 247 -3.81 2.39 23.81
C GLY A 247 -3.34 1.45 22.73
N ALA A 248 -3.82 1.66 21.48
CA ALA A 248 -3.47 0.86 20.32
C ALA A 248 -2.10 1.27 19.78
N LYS A 249 -1.38 0.32 19.15
CA LYS A 249 -0.06 0.56 18.59
C LYS A 249 -0.06 0.46 17.07
N LYS A 250 0.59 1.43 16.41
CA LYS A 250 0.66 1.45 14.94
C LYS A 250 1.57 0.39 14.36
N ARG A 251 1.12 -0.22 13.25
CA ARG A 251 1.87 -1.16 12.42
C ARG A 251 1.90 -0.52 11.04
N LEU A 252 2.33 -1.24 10.03
CA LEU A 252 2.40 -0.68 8.70
C LEU A 252 1.01 -0.28 8.09
N PHE A 253 0.04 -1.22 8.09
CA PHE A 253 -1.27 -0.98 7.50
C PHE A 253 -2.42 -0.72 8.47
N ASP A 254 -2.21 -0.96 9.79
CA ASP A 254 -3.27 -0.85 10.79
C ASP A 254 -2.73 -0.53 12.16
N TYR A 255 -3.64 -0.57 13.17
CA TYR A 255 -3.38 -0.40 14.60
C TYR A 255 -3.84 -1.68 15.27
N VAL A 256 -3.09 -2.10 16.28
CA VAL A 256 -3.36 -3.34 16.97
C VAL A 256 -3.40 -3.13 18.49
N VAL A 257 -4.06 -4.07 19.16
CA VAL A 257 -4.05 -4.21 20.61
C VAL A 257 -3.63 -5.68 20.95
N LYS A 258 -3.14 -5.95 22.17
CA LYS A 258 -2.87 -7.34 22.53
C LYS A 258 -4.27 -7.97 22.57
N CYS A 259 -4.45 -9.13 21.93
CA CYS A 259 -5.78 -9.76 21.85
C CYS A 259 -6.58 -9.86 23.15
N ASN A 260 -5.92 -10.06 24.30
CA ASN A 260 -6.55 -10.21 25.61
C ASN A 260 -7.11 -8.88 26.14
N GLU A 261 -6.49 -7.77 25.70
CA GLU A 261 -6.85 -6.39 26.03
C GLU A 261 -8.07 -5.86 25.23
N GLY A 262 -8.36 -6.50 24.09
CA GLY A 262 -9.42 -6.14 23.17
C GLY A 262 -10.82 -6.10 23.73
N PRO A 263 -11.30 -7.16 24.45
CA PRO A 263 -12.67 -7.12 24.99
C PRO A 263 -12.91 -6.08 26.08
N THR A 264 -11.84 -5.44 26.58
CA THR A 264 -11.91 -4.44 27.64
C THR A 264 -11.83 -3.01 27.10
N LEU A 265 -11.66 -2.85 25.77
CA LEU A 265 -11.55 -1.54 25.13
C LEU A 265 -12.84 -0.75 25.28
N PRO A 266 -12.73 0.58 25.52
CA PRO A 266 -13.94 1.37 25.73
C PRO A 266 -14.84 1.50 24.50
N ASP A 267 -16.12 1.84 24.71
CA ASP A 267 -17.08 2.09 23.64
C ASP A 267 -16.65 3.37 22.95
N ILE A 268 -16.92 3.46 21.63
CA ILE A 268 -16.66 4.65 20.83
C ILE A 268 -18.03 5.11 20.30
N SER A 269 -18.33 6.41 20.48
CA SER A 269 -19.61 7.01 20.08
C SER A 269 -19.43 8.14 19.09
N PHE A 270 -20.35 8.20 18.13
CA PHE A 270 -20.39 9.19 17.08
C PHE A 270 -21.69 9.95 17.24
N HIS A 271 -21.56 11.27 17.52
CA HIS A 271 -22.68 12.16 17.76
C HIS A 271 -23.19 12.69 16.43
N LEU A 272 -24.29 12.08 15.93
CA LEU A 272 -24.91 12.41 14.64
C LEU A 272 -26.41 12.74 14.83
N GLY A 273 -26.87 13.88 14.31
CA GLY A 273 -28.26 14.30 14.49
C GLY A 273 -28.52 14.52 15.97
N GLY A 274 -29.60 13.95 16.50
CA GLY A 274 -29.83 14.07 17.93
C GLY A 274 -29.32 12.91 18.77
N LYS A 275 -28.72 11.88 18.12
CA LYS A 275 -28.26 10.67 18.75
C LYS A 275 -26.74 10.48 18.85
N GLU A 276 -26.36 9.56 19.74
CA GLU A 276 -25.02 9.06 19.96
C GLU A 276 -25.06 7.66 19.39
N TYR A 277 -24.23 7.41 18.38
CA TYR A 277 -24.15 6.11 17.75
C TYR A 277 -22.96 5.39 18.30
N THR A 278 -23.23 4.34 19.08
CA THR A 278 -22.21 3.60 19.82
C THR A 278 -21.79 2.28 19.24
N LEU A 279 -20.46 2.13 19.14
CA LEU A 279 -19.79 0.92 18.73
C LEU A 279 -19.04 0.41 19.95
N THR A 280 -19.26 -0.85 20.35
CA THR A 280 -18.57 -1.49 21.48
C THR A 280 -17.29 -2.16 20.92
N SER A 281 -16.36 -2.62 21.79
CA SER A 281 -15.15 -3.32 21.34
C SER A 281 -15.43 -4.48 20.37
N ALA A 282 -16.54 -5.22 20.57
CA ALA A 282 -16.97 -6.32 19.71
C ALA A 282 -17.30 -5.86 18.29
N ASP A 283 -17.65 -4.56 18.12
CA ASP A 283 -18.02 -3.98 16.82
C ASP A 283 -16.81 -3.49 16.05
N TYR A 284 -15.68 -3.20 16.74
CA TYR A 284 -14.49 -2.66 16.08
C TYR A 284 -13.16 -3.42 16.26
N VAL A 285 -13.19 -4.51 17.03
CA VAL A 285 -11.96 -5.28 17.18
C VAL A 285 -12.11 -6.59 16.38
N PHE A 286 -11.14 -6.91 15.52
CA PHE A 286 -11.13 -8.18 14.83
C PHE A 286 -10.50 -9.11 15.89
N GLN A 287 -11.39 -9.75 16.70
CA GLN A 287 -11.06 -10.65 17.80
C GLN A 287 -10.78 -12.04 17.26
N GLU A 288 -9.59 -12.20 16.67
CA GLU A 288 -9.18 -13.46 16.06
C GLU A 288 -8.59 -14.45 17.05
N SER A 289 -8.38 -13.97 18.30
CA SER A 289 -7.78 -14.74 19.38
C SER A 289 -8.03 -13.99 20.70
N TYR A 290 -7.81 -14.65 21.84
CA TYR A 290 -7.93 -14.01 23.14
C TYR A 290 -6.59 -14.02 23.86
N SER A 291 -5.52 -14.44 23.15
CA SER A 291 -4.18 -14.56 23.70
C SER A 291 -3.47 -13.24 23.96
N SER A 292 -2.65 -13.20 25.04
CA SER A 292 -1.87 -12.02 25.42
C SER A 292 -0.57 -12.02 24.63
N LYS A 293 -0.28 -13.14 23.96
CA LYS A 293 0.90 -13.35 23.15
C LYS A 293 0.63 -13.02 21.66
N LYS A 294 -0.63 -12.65 21.33
CA LYS A 294 -1.06 -12.33 19.97
C LYS A 294 -1.61 -10.89 19.85
N LEU A 295 -1.55 -10.33 18.63
CA LEU A 295 -2.03 -8.98 18.35
C LEU A 295 -3.31 -9.01 17.52
N CYS A 296 -4.30 -8.17 17.91
CA CYS A 296 -5.61 -8.05 17.26
C CYS A 296 -5.79 -6.70 16.61
N THR A 297 -6.28 -6.71 15.36
CA THR A 297 -6.50 -5.53 14.52
C THR A 297 -7.80 -4.79 14.83
N LEU A 298 -7.76 -3.45 14.67
CA LEU A 298 -8.92 -2.60 14.85
C LEU A 298 -9.51 -2.25 13.48
N ALA A 299 -10.86 -2.27 13.40
CA ALA A 299 -11.63 -1.93 12.20
C ALA A 299 -11.79 -0.41 12.01
N ILE A 300 -10.82 0.38 12.50
CA ILE A 300 -10.74 1.84 12.41
C ILE A 300 -9.35 2.14 11.88
N HIS A 301 -9.30 2.90 10.79
CA HIS A 301 -8.04 3.25 10.12
C HIS A 301 -7.96 4.75 9.87
N ALA A 302 -6.79 5.26 9.46
CA ALA A 302 -6.68 6.65 9.03
C ALA A 302 -6.80 6.65 7.51
N MET A 303 -7.61 7.57 7.00
CA MET A 303 -7.79 7.79 5.58
C MET A 303 -7.90 9.28 5.37
N ASP A 304 -6.92 9.85 4.65
CA ASP A 304 -6.92 11.28 4.38
C ASP A 304 -7.59 11.53 3.08
N ILE A 305 -8.93 11.71 3.16
CA ILE A 305 -9.77 11.99 1.99
C ILE A 305 -9.45 13.41 1.48
N PRO A 306 -9.10 13.55 0.17
CA PRO A 306 -8.75 14.88 -0.34
C PRO A 306 -9.95 15.80 -0.55
N PRO A 307 -9.72 17.14 -0.51
CA PRO A 307 -10.80 18.09 -0.84
C PRO A 307 -11.30 17.90 -2.29
N PRO A 308 -12.56 18.29 -2.60
CA PRO A 308 -13.56 19.00 -1.77
C PRO A 308 -14.25 18.18 -0.68
N THR A 309 -14.42 16.85 -0.87
CA THR A 309 -15.09 15.98 0.10
C THR A 309 -14.38 15.95 1.47
N GLY A 310 -13.05 15.89 1.45
CA GLY A 310 -12.23 15.84 2.65
C GLY A 310 -11.65 17.17 3.05
N PRO A 311 -11.03 17.28 4.23
CA PRO A 311 -10.83 16.24 5.26
C PRO A 311 -12.14 15.93 5.97
N THR A 312 -12.39 14.63 6.15
CA THR A 312 -13.62 14.14 6.76
C THR A 312 -13.40 12.78 7.38
N TRP A 313 -14.35 12.41 8.25
CA TRP A 313 -14.41 11.05 8.74
C TRP A 313 -15.23 10.32 7.70
N ALA A 314 -15.11 9.00 7.66
CA ALA A 314 -15.85 8.13 6.76
C ALA A 314 -16.38 6.98 7.56
N LEU A 315 -17.71 6.81 7.55
CA LEU A 315 -18.35 5.72 8.27
C LEU A 315 -18.61 4.60 7.26
N GLY A 316 -17.69 3.67 7.22
CA GLY A 316 -17.76 2.54 6.31
C GLY A 316 -18.44 1.33 6.90
N ALA A 317 -18.14 0.14 6.34
CA ALA A 317 -18.68 -1.15 6.75
C ALA A 317 -18.71 -1.40 8.26
N THR A 318 -17.71 -0.91 9.01
CA THR A 318 -17.62 -1.07 10.47
C THR A 318 -18.86 -0.45 11.16
N PHE A 319 -19.24 0.79 10.72
CA PHE A 319 -20.41 1.50 11.22
C PHE A 319 -21.71 0.86 10.69
N ILE A 320 -21.78 0.60 9.36
CA ILE A 320 -22.94 0.04 8.66
C ILE A 320 -23.35 -1.34 9.18
N ARG A 321 -22.38 -2.17 9.60
CA ARG A 321 -22.70 -3.48 10.18
C ARG A 321 -23.59 -3.33 11.43
N LYS A 322 -23.30 -2.29 12.26
CA LYS A 322 -24.01 -1.94 13.48
C LYS A 322 -25.32 -1.23 13.18
N PHE A 323 -25.29 -0.28 12.25
CA PHE A 323 -26.48 0.52 11.91
C PHE A 323 -26.94 0.40 10.45
N TYR A 324 -28.10 -0.25 10.25
CA TYR A 324 -28.77 -0.36 8.96
C TYR A 324 -28.98 1.09 8.48
N THR A 325 -28.52 1.40 7.25
CA THR A 325 -28.53 2.74 6.67
C THR A 325 -29.45 2.86 5.47
N GLU A 326 -30.25 3.95 5.42
CA GLU A 326 -31.18 4.26 4.35
C GLU A 326 -30.75 5.56 3.73
N PHE A 327 -30.48 5.57 2.42
CA PHE A 327 -30.06 6.77 1.69
C PHE A 327 -31.29 7.33 0.98
N ASP A 328 -31.74 8.51 1.40
CA ASP A 328 -32.95 9.14 0.90
C ASP A 328 -32.62 10.34 0.00
N ARG A 329 -32.87 10.17 -1.33
CA ARG A 329 -32.58 11.16 -2.38
C ARG A 329 -33.69 12.18 -2.50
N ARG A 330 -34.93 11.75 -2.24
CA ARG A 330 -36.08 12.65 -2.34
C ARG A 330 -35.96 13.74 -1.30
N ASN A 331 -35.56 13.34 -0.08
CA ASN A 331 -35.45 14.22 1.06
C ASN A 331 -34.02 14.69 1.45
N ASN A 332 -32.94 14.19 0.79
CA ASN A 332 -31.54 14.52 1.06
C ASN A 332 -31.16 14.30 2.53
N ARG A 333 -31.31 13.07 2.95
CA ARG A 333 -31.04 12.64 4.32
C ARG A 333 -30.59 11.20 4.34
N ILE A 334 -29.99 10.80 5.47
CA ILE A 334 -29.56 9.43 5.75
C ILE A 334 -30.26 9.02 7.04
N GLY A 335 -30.84 7.84 7.02
CA GLY A 335 -31.49 7.27 8.19
C GLY A 335 -30.74 6.09 8.73
N PHE A 336 -30.62 6.00 10.07
CA PHE A 336 -29.97 4.92 10.80
C PHE A 336 -30.91 4.25 11.77
N ALA A 337 -30.86 2.93 11.78
CA ALA A 337 -31.61 2.09 12.69
C ALA A 337 -30.63 0.98 13.08
N LEU A 338 -30.77 0.43 14.28
CA LEU A 338 -29.89 -0.63 14.72
C LEU A 338 -30.13 -1.88 13.87
N ALA A 339 -29.05 -2.44 13.25
CA ALA A 339 -29.17 -3.62 12.39
C ALA A 339 -29.53 -4.89 13.18
N ARG A 340 -30.20 -5.83 12.47
CA ARG A 340 -30.67 -7.14 12.90
C ARG A 340 -30.19 -8.26 11.90
N LEU B 1 44.60 -17.32 -8.50
CA LEU B 1 45.71 -16.44 -8.15
C LEU B 1 45.30 -15.03 -8.42
N THR B 2 45.67 -14.14 -7.51
CA THR B 2 45.34 -12.71 -7.56
C THR B 2 46.62 -11.86 -7.48
N LEU B 3 46.63 -10.74 -8.23
CA LEU B 3 47.76 -9.78 -8.26
C LEU B 3 47.43 -8.44 -7.58
N GLY B 4 46.46 -8.47 -6.66
CA GLY B 4 46.01 -7.29 -5.90
C GLY B 4 45.20 -6.23 -6.65
N ASN B 5 44.75 -6.53 -7.90
CA ASN B 5 43.95 -5.58 -8.69
C ASN B 5 42.65 -6.27 -9.15
N THR B 6 42.22 -7.31 -8.43
CA THR B 6 40.99 -7.99 -8.82
C THR B 6 39.76 -7.42 -8.17
N THR B 7 38.80 -7.21 -9.03
CA THR B 7 37.50 -6.69 -8.73
C THR B 7 36.51 -7.50 -9.61
N SER B 8 35.26 -7.64 -9.14
CA SER B 8 34.17 -8.32 -9.87
C SER B 8 32.95 -7.35 -9.92
N SER B 9 32.09 -7.51 -10.92
CA SER B 9 30.89 -6.67 -11.11
C SER B 9 29.58 -7.47 -11.21
N VAL B 10 28.47 -6.92 -10.71
CA VAL B 10 27.14 -7.56 -10.79
C VAL B 10 26.20 -6.55 -11.44
N ILE B 11 25.73 -6.85 -12.63
CA ILE B 11 24.81 -5.98 -13.37
C ILE B 11 23.42 -6.13 -12.79
N LEU B 12 22.74 -5.00 -12.55
CA LEU B 12 21.39 -4.98 -11.98
C LEU B 12 20.35 -4.55 -13.00
N THR B 13 19.10 -5.01 -12.80
CA THR B 13 17.96 -4.58 -13.60
C THR B 13 17.29 -3.58 -12.71
N ASN B 14 16.84 -2.46 -13.30
CA ASN B 14 16.07 -1.42 -12.60
C ASN B 14 14.62 -1.61 -12.99
N TYR B 15 13.75 -1.92 -12.03
CA TYR B 15 12.34 -2.04 -12.32
C TYR B 15 11.63 -0.85 -11.69
N MET B 16 11.17 0.07 -12.54
CA MET B 16 10.39 1.27 -12.16
C MET B 16 11.03 2.15 -11.08
N ASP B 17 12.39 2.15 -10.94
CA ASP B 17 13.10 2.98 -9.93
C ASP B 17 12.86 2.56 -8.46
N THR B 18 12.24 1.38 -8.26
CA THR B 18 11.87 0.86 -6.94
C THR B 18 12.51 -0.49 -6.62
N GLN B 19 12.78 -1.30 -7.67
CA GLN B 19 13.41 -2.61 -7.48
C GLN B 19 14.68 -2.72 -8.30
N TYR B 20 15.81 -2.97 -7.62
CA TYR B 20 17.12 -3.14 -8.25
C TYR B 20 17.67 -4.50 -7.89
N TYR B 21 17.69 -5.41 -8.86
CA TYR B 21 18.10 -6.80 -8.65
C TYR B 21 19.01 -7.34 -9.73
N GLY B 22 19.94 -8.20 -9.31
CA GLY B 22 20.88 -8.87 -10.20
C GLY B 22 20.72 -10.36 -10.04
N GLU B 23 21.60 -11.14 -10.68
CA GLU B 23 21.49 -12.58 -10.53
C GLU B 23 22.65 -13.24 -9.79
N ILE B 24 22.35 -14.35 -9.16
CA ILE B 24 23.26 -15.21 -8.44
C ILE B 24 22.90 -16.61 -8.87
N GLY B 25 23.84 -17.55 -8.77
CA GLY B 25 23.63 -18.95 -9.12
C GLY B 25 23.88 -19.80 -7.90
N ILE B 26 22.90 -20.63 -7.52
CA ILE B 26 23.01 -21.51 -6.35
C ILE B 26 23.02 -23.00 -6.77
N GLY B 27 24.08 -23.72 -6.38
CA GLY B 27 24.18 -25.15 -6.62
C GLY B 27 24.99 -25.60 -7.80
N THR B 28 25.09 -26.94 -7.95
CA THR B 28 25.81 -27.60 -9.04
C THR B 28 24.83 -28.53 -9.80
N PRO B 29 24.47 -28.22 -11.06
CA PRO B 29 24.78 -27.01 -11.85
C PRO B 29 24.07 -25.76 -11.26
N PRO B 30 24.41 -24.50 -11.62
CA PRO B 30 23.77 -23.37 -10.95
C PRO B 30 22.31 -23.13 -11.28
N GLN B 31 21.52 -22.93 -10.22
CA GLN B 31 20.11 -22.55 -10.30
C GLN B 31 20.12 -21.01 -10.15
N THR B 32 19.66 -20.29 -11.18
CA THR B 32 19.72 -18.82 -11.15
C THR B 32 18.56 -18.19 -10.43
N PHE B 33 18.87 -17.13 -9.69
CA PHE B 33 17.88 -16.34 -8.94
C PHE B 33 18.13 -14.86 -9.11
N LYS B 34 17.02 -14.10 -9.19
CA LYS B 34 16.99 -12.65 -9.22
C LYS B 34 17.01 -12.26 -7.74
N VAL B 35 18.02 -11.49 -7.33
CA VAL B 35 18.14 -11.09 -5.93
C VAL B 35 18.38 -9.59 -5.78
N VAL B 36 17.90 -9.04 -4.66
CA VAL B 36 18.16 -7.67 -4.24
C VAL B 36 19.38 -7.79 -3.30
N PHE B 37 20.38 -6.90 -3.50
CA PHE B 37 21.57 -6.81 -2.68
C PHE B 37 21.31 -5.70 -1.66
N ASP B 38 21.08 -6.12 -0.43
CA ASP B 38 20.58 -5.31 0.67
C ASP B 38 21.56 -5.05 1.81
N THR B 39 22.00 -3.80 1.96
CA THR B 39 22.90 -3.39 3.05
C THR B 39 22.16 -3.29 4.38
N GLY B 40 20.84 -3.24 4.35
CA GLY B 40 19.98 -3.16 5.53
C GLY B 40 19.77 -4.48 6.24
N SER B 41 20.16 -5.63 5.60
CA SER B 41 20.07 -6.97 6.19
C SER B 41 21.35 -7.83 5.98
N SER B 42 21.50 -8.96 6.74
CA SER B 42 22.74 -9.77 6.65
C SER B 42 22.57 -11.24 6.26
N ASN B 43 21.34 -11.67 5.97
CA ASN B 43 21.08 -13.05 5.58
C ASN B 43 20.87 -13.18 4.10
N VAL B 44 21.25 -14.34 3.52
CA VAL B 44 20.97 -14.69 2.14
C VAL B 44 19.76 -15.63 2.21
N TRP B 45 18.73 -15.40 1.38
CA TRP B 45 17.55 -16.23 1.29
C TRP B 45 16.96 -16.24 -0.09
N VAL B 46 16.44 -17.39 -0.53
CA VAL B 46 15.73 -17.61 -1.80
C VAL B 46 14.53 -18.54 -1.52
N PRO B 47 13.45 -18.53 -2.35
CA PRO B 47 12.34 -19.47 -2.11
C PRO B 47 12.76 -20.94 -2.32
N SER B 48 12.19 -21.84 -1.51
CA SER B 48 12.49 -23.28 -1.58
C SER B 48 11.48 -24.03 -2.45
N SER B 49 11.90 -25.16 -3.03
CA SER B 49 11.00 -26.04 -3.81
C SER B 49 9.97 -26.61 -2.81
N LYS B 50 10.36 -26.68 -1.52
CA LYS B 50 9.55 -27.13 -0.40
C LYS B 50 8.47 -26.11 0.06
N CYS B 51 8.13 -25.10 -0.77
CA CYS B 51 7.07 -24.14 -0.45
C CYS B 51 5.73 -24.59 -1.03
N SER B 52 4.68 -24.63 -0.17
CA SER B 52 3.29 -25.06 -0.44
C SER B 52 2.75 -24.74 -1.84
N THR B 56 1.77 -19.39 -0.56
CA THR B 56 1.21 -19.17 -1.89
C THR B 56 1.99 -18.09 -2.70
N ALA B 57 2.86 -17.32 -2.02
CA ALA B 57 3.66 -16.27 -2.66
C ALA B 57 4.80 -16.86 -3.50
N CYS B 58 5.40 -17.98 -3.00
CA CYS B 58 6.51 -18.74 -3.57
C CYS B 58 6.29 -19.13 -5.02
N VAL B 59 5.10 -19.70 -5.31
CA VAL B 59 4.63 -20.19 -6.62
C VAL B 59 4.90 -19.18 -7.77
N TYR B 60 4.86 -17.87 -7.46
CA TYR B 60 5.12 -16.79 -8.40
C TYR B 60 6.61 -16.44 -8.63
N HIS B 61 7.52 -17.17 -7.95
CA HIS B 61 8.98 -17.00 -8.02
C HIS B 61 9.72 -18.30 -8.33
N LYS B 62 11.04 -18.22 -8.65
CA LYS B 62 11.93 -19.35 -8.89
C LYS B 62 12.19 -20.02 -7.55
N LEU B 63 12.06 -21.34 -7.54
CA LEU B 63 12.25 -22.14 -6.33
C LEU B 63 13.56 -22.88 -6.39
N PHE B 64 14.27 -22.94 -5.25
CA PHE B 64 15.53 -23.67 -5.18
C PHE B 64 15.26 -25.14 -4.93
N ASP B 65 15.79 -26.00 -5.81
CA ASP B 65 15.64 -27.44 -5.65
C ASP B 65 16.94 -28.11 -5.21
N ALA B 66 17.05 -28.26 -3.87
CA ALA B 66 18.16 -28.86 -3.14
C ALA B 66 18.52 -30.25 -3.66
N SER B 67 17.52 -30.95 -4.26
CA SER B 67 17.64 -32.28 -4.84
C SER B 67 18.44 -32.30 -6.15
N ASP B 68 18.35 -31.22 -6.96
CA ASP B 68 19.07 -31.13 -8.26
C ASP B 68 20.50 -30.56 -8.14
N SER B 69 20.98 -30.37 -6.90
CA SER B 69 22.31 -29.84 -6.59
C SER B 69 23.24 -30.88 -5.96
N SER B 70 24.35 -31.21 -6.64
CA SER B 70 25.35 -32.17 -6.15
C SER B 70 26.16 -31.60 -4.98
N SER B 71 26.37 -30.26 -5.00
CA SER B 71 27.10 -29.53 -3.94
C SER B 71 26.26 -29.20 -2.72
N TYR B 72 24.93 -29.37 -2.81
CA TYR B 72 24.02 -29.09 -1.70
C TYR B 72 24.33 -29.96 -0.50
N LYS B 73 24.43 -29.32 0.66
CA LYS B 73 24.66 -29.96 1.95
C LYS B 73 23.52 -29.50 2.87
N HIS B 74 22.93 -30.44 3.58
CA HIS B 74 21.81 -30.24 4.49
C HIS B 74 22.21 -29.47 5.78
N ASN B 75 21.24 -28.81 6.41
CA ASN B 75 21.38 -28.18 7.74
C ASN B 75 20.02 -28.28 8.44
N GLY B 76 18.99 -27.64 7.87
CA GLY B 76 17.62 -27.73 8.37
C GLY B 76 17.24 -26.91 9.58
N THR B 77 18.18 -26.15 10.16
CA THR B 77 17.88 -25.26 11.29
C THR B 77 16.86 -24.21 10.84
N GLU B 78 15.79 -24.02 11.63
CA GLU B 78 14.72 -23.06 11.34
C GLU B 78 15.25 -21.62 11.28
N LEU B 79 14.84 -20.89 10.21
CA LEU B 79 15.17 -19.49 9.98
C LEU B 79 13.89 -18.66 9.92
N THR B 80 13.84 -17.58 10.70
CA THR B 80 12.68 -16.70 10.75
C THR B 80 13.14 -15.24 10.63
N LEU B 81 12.73 -14.58 9.52
CA LEU B 81 13.05 -13.18 9.24
C LEU B 81 11.79 -12.36 9.38
N ARG B 82 11.84 -11.32 10.24
CA ARG B 82 10.68 -10.50 10.56
C ARG B 82 10.54 -9.16 9.86
N TYR B 83 9.96 -9.16 8.64
CA TYR B 83 9.67 -8.01 7.76
C TYR B 83 8.51 -7.18 8.34
N SER B 84 8.31 -5.94 7.87
CA SER B 84 7.28 -5.07 8.42
C SER B 84 5.83 -5.55 8.13
N THR B 85 5.65 -6.41 7.11
CA THR B 85 4.36 -6.95 6.69
C THR B 85 4.07 -8.38 7.22
N GLY B 86 5.09 -9.07 7.70
CA GLY B 86 4.95 -10.41 8.21
C GLY B 86 6.29 -11.10 8.29
N THR B 87 6.24 -12.41 8.46
CA THR B 87 7.40 -13.25 8.61
C THR B 87 7.80 -14.00 7.32
N VAL B 88 9.13 -14.01 7.00
CA VAL B 88 9.70 -14.88 5.96
C VAL B 88 10.39 -16.05 6.67
N SER B 89 9.77 -17.23 6.56
CA SER B 89 10.16 -18.45 7.24
C SER B 89 10.71 -19.51 6.33
N GLY B 90 11.67 -20.25 6.85
CA GLY B 90 12.31 -21.36 6.16
C GLY B 90 13.33 -22.08 7.03
N PHE B 91 14.33 -22.66 6.37
CA PHE B 91 15.38 -23.44 7.05
C PHE B 91 16.72 -23.20 6.37
N LEU B 92 17.82 -23.39 7.11
CA LEU B 92 19.16 -23.21 6.58
C LEU B 92 19.58 -24.34 5.70
N SER B 93 20.38 -24.01 4.72
CA SER B 93 20.98 -24.94 3.77
C SER B 93 22.32 -24.37 3.36
N GLN B 94 23.20 -25.23 2.86
CA GLN B 94 24.51 -24.84 2.42
C GLN B 94 24.72 -25.33 1.01
N ASP B 95 25.38 -24.52 0.21
CA ASP B 95 25.71 -24.86 -1.16
C ASP B 95 26.63 -23.75 -1.63
N ILE B 96 27.22 -23.98 -2.80
CA ILE B 96 28.09 -23.04 -3.46
C ILE B 96 27.28 -22.03 -4.24
N ILE B 97 27.48 -20.73 -3.92
CA ILE B 97 26.82 -19.60 -4.56
C ILE B 97 27.79 -18.83 -5.46
N THR B 98 27.39 -18.57 -6.73
CA THR B 98 28.17 -17.72 -7.67
C THR B 98 27.57 -16.29 -7.71
N VAL B 99 28.41 -15.29 -7.47
CA VAL B 99 28.07 -13.87 -7.53
C VAL B 99 29.22 -13.15 -8.24
N GLY B 100 28.90 -12.62 -9.43
CA GLY B 100 29.83 -11.95 -10.32
C GLY B 100 31.10 -12.72 -10.67
N GLY B 101 31.01 -14.05 -10.69
CA GLY B 101 32.15 -14.91 -10.98
C GLY B 101 32.75 -15.58 -9.77
N ILE B 102 32.76 -14.90 -8.61
CA ILE B 102 33.26 -15.42 -7.34
C ILE B 102 32.29 -16.51 -6.83
N THR B 103 32.83 -17.71 -6.54
CA THR B 103 32.06 -18.84 -6.02
C THR B 103 32.47 -19.01 -4.59
N VAL B 104 31.49 -19.04 -3.71
CA VAL B 104 31.72 -19.16 -2.28
C VAL B 104 30.79 -20.26 -1.74
N THR B 105 31.17 -20.90 -0.64
CA THR B 105 30.35 -21.90 0.02
C THR B 105 29.56 -21.11 1.03
N GLN B 106 28.25 -21.03 0.81
CA GLN B 106 27.38 -20.21 1.61
C GLN B 106 26.24 -20.92 2.34
N MET B 107 26.00 -20.51 3.58
CA MET B 107 24.86 -20.92 4.38
C MET B 107 23.76 -19.90 4.03
N PHE B 108 22.64 -20.39 3.49
CA PHE B 108 21.53 -19.53 3.09
C PHE B 108 20.23 -20.13 3.54
N GLY B 109 19.18 -19.30 3.53
CA GLY B 109 17.84 -19.70 3.90
C GLY B 109 17.00 -20.15 2.73
N GLU B 110 16.41 -21.35 2.88
CA GLU B 110 15.49 -21.93 1.92
C GLU B 110 14.10 -21.59 2.50
N VAL B 111 13.46 -20.58 1.91
CA VAL B 111 12.20 -20.00 2.36
C VAL B 111 10.95 -20.80 1.96
N THR B 112 10.11 -21.15 2.95
CA THR B 112 8.87 -21.92 2.78
C THR B 112 7.59 -21.13 3.13
N GLU B 113 7.74 -19.86 3.57
CA GLU B 113 6.63 -18.97 3.91
C GLU B 113 7.00 -17.52 3.66
N MET B 114 6.25 -16.87 2.78
CA MET B 114 6.42 -15.46 2.43
C MET B 114 5.08 -14.73 2.55
N PRO B 115 5.01 -13.52 3.14
CA PRO B 115 3.71 -12.81 3.15
C PRO B 115 3.37 -12.35 1.73
N ALA B 116 2.08 -12.31 1.36
CA ALA B 116 1.69 -11.89 0.01
C ALA B 116 2.14 -10.45 -0.26
N LEU B 117 2.20 -9.62 0.78
CA LEU B 117 2.72 -8.28 0.67
C LEU B 117 4.06 -8.20 1.39
N PRO B 118 5.15 -7.69 0.78
CA PRO B 118 5.26 -7.10 -0.56
C PRO B 118 5.53 -8.10 -1.71
N PHE B 119 5.81 -9.37 -1.39
CA PHE B 119 6.26 -10.42 -2.33
C PHE B 119 5.49 -10.68 -3.60
N MET B 120 4.17 -10.39 -3.63
CA MET B 120 3.37 -10.49 -4.86
C MET B 120 3.82 -9.44 -5.88
N LEU B 121 4.36 -8.30 -5.39
CA LEU B 121 4.81 -7.16 -6.19
C LEU B 121 6.24 -7.30 -6.65
N ALA B 122 7.05 -8.12 -5.94
CA ALA B 122 8.48 -8.35 -6.19
C ALA B 122 8.76 -8.97 -7.55
N GLU B 123 9.60 -8.31 -8.35
CA GLU B 123 10.07 -8.81 -9.66
C GLU B 123 11.27 -9.78 -9.45
N PHE B 124 11.86 -9.78 -8.24
CA PHE B 124 13.01 -10.57 -7.82
C PHE B 124 12.57 -11.76 -6.98
N ASP B 125 13.45 -12.76 -6.85
CA ASP B 125 13.19 -14.00 -6.12
C ASP B 125 13.57 -13.93 -4.64
N GLY B 126 14.81 -13.57 -4.36
CA GLY B 126 15.31 -13.51 -2.99
C GLY B 126 16.13 -12.28 -2.62
N VAL B 127 16.81 -12.37 -1.49
CA VAL B 127 17.58 -11.29 -0.90
C VAL B 127 18.98 -11.77 -0.56
N VAL B 128 20.00 -10.92 -0.82
CA VAL B 128 21.42 -11.13 -0.50
C VAL B 128 21.79 -9.97 0.43
N GLY B 129 21.82 -10.26 1.72
CA GLY B 129 22.14 -9.28 2.74
C GLY B 129 23.60 -8.90 2.68
N MET B 130 23.86 -7.58 2.54
CA MET B 130 25.20 -6.98 2.44
C MET B 130 25.63 -6.37 3.76
N GLY B 131 24.85 -6.61 4.80
CA GLY B 131 25.14 -6.13 6.16
C GLY B 131 26.18 -6.96 6.90
N PHE B 132 26.31 -6.69 8.19
CA PHE B 132 27.30 -7.35 9.03
C PHE B 132 26.75 -8.58 9.73
N ILE B 133 27.64 -9.50 10.18
CA ILE B 133 27.27 -10.69 10.92
C ILE B 133 26.51 -10.34 12.23
N GLU B 134 26.76 -9.15 12.83
CA GLU B 134 26.08 -8.72 14.05
C GLU B 134 24.56 -8.67 13.86
N GLN B 135 24.11 -8.35 12.63
CA GLN B 135 22.68 -8.26 12.28
C GLN B 135 22.10 -9.60 11.76
N ALA B 136 22.98 -10.56 11.41
CA ALA B 136 22.64 -11.87 10.87
C ALA B 136 21.76 -12.71 11.79
N ILE B 137 20.67 -13.23 11.22
CA ILE B 137 19.76 -14.07 11.98
C ILE B 137 20.34 -15.48 12.05
N GLY B 138 20.54 -15.94 13.28
CA GLY B 138 21.14 -17.23 13.55
C GLY B 138 22.65 -17.17 13.52
N ARG B 139 23.19 -15.94 13.54
CA ARG B 139 24.62 -15.63 13.50
C ARG B 139 25.34 -16.22 12.28
N VAL B 140 24.57 -16.47 11.19
CA VAL B 140 25.03 -17.02 9.93
C VAL B 140 25.98 -16.02 9.24
N THR B 141 27.17 -16.51 8.82
CA THR B 141 28.21 -15.73 8.14
C THR B 141 27.71 -15.12 6.84
N PRO B 142 27.73 -13.75 6.72
CA PRO B 142 27.22 -13.10 5.51
C PRO B 142 28.07 -13.35 4.29
N ILE B 143 27.45 -13.27 3.10
CA ILE B 143 28.14 -13.56 1.84
C ILE B 143 29.44 -12.77 1.65
N PHE B 144 29.44 -11.45 1.94
CA PHE B 144 30.62 -10.61 1.79
C PHE B 144 31.78 -11.03 2.71
N ASP B 145 31.51 -11.38 3.98
CA ASP B 145 32.53 -11.94 4.88
C ASP B 145 33.22 -13.15 4.24
N ASN B 146 32.42 -14.05 3.61
CA ASN B 146 32.91 -15.26 2.94
C ASN B 146 33.69 -14.95 1.67
N ILE B 147 33.35 -13.86 0.97
CA ILE B 147 34.09 -13.42 -0.24
C ILE B 147 35.40 -12.79 0.24
N ILE B 148 35.36 -12.03 1.38
CA ILE B 148 36.56 -11.43 1.98
C ILE B 148 37.57 -12.54 2.26
N SER B 149 37.12 -13.60 2.99
CA SER B 149 37.85 -14.83 3.35
C SER B 149 38.64 -15.46 2.20
N GLN B 150 38.12 -15.40 0.98
CA GLN B 150 38.79 -15.97 -0.19
C GLN B 150 40.06 -15.21 -0.61
N GLY B 151 40.24 -13.99 -0.10
CA GLY B 151 41.36 -13.13 -0.42
C GLY B 151 41.51 -12.81 -1.89
N VAL B 152 40.39 -12.72 -2.64
CA VAL B 152 40.44 -12.40 -4.07
C VAL B 152 40.34 -10.89 -4.43
N LEU B 153 39.49 -10.12 -3.72
CA LEU B 153 39.30 -8.69 -4.00
C LEU B 153 40.44 -7.76 -3.55
N LYS B 154 40.72 -6.74 -4.37
CA LYS B 154 41.69 -5.65 -4.18
C LYS B 154 41.49 -4.99 -2.80
N GLU B 155 40.23 -4.62 -2.49
CA GLU B 155 39.88 -4.01 -1.22
C GLU B 155 38.66 -4.71 -0.60
N ASP B 156 38.48 -4.55 0.75
CA ASP B 156 37.32 -5.06 1.49
C ASP B 156 36.24 -4.01 1.40
N VAL B 157 35.89 -3.66 0.15
CA VAL B 157 34.84 -2.70 -0.13
C VAL B 157 33.92 -3.24 -1.25
N PHE B 158 32.72 -2.64 -1.36
CA PHE B 158 31.76 -2.90 -2.42
C PHE B 158 31.00 -1.59 -2.66
N SER B 159 30.61 -1.38 -3.91
CA SER B 159 29.99 -0.15 -4.39
C SER B 159 28.67 -0.38 -5.09
N PHE B 160 27.76 0.60 -5.01
CA PHE B 160 26.46 0.55 -5.68
C PHE B 160 26.21 1.70 -6.61
N TYR B 161 25.75 1.34 -7.80
CA TYR B 161 25.31 2.27 -8.82
C TYR B 161 23.86 1.88 -9.14
N TYR B 162 22.96 2.84 -9.01
CA TYR B 162 21.53 2.72 -9.32
C TYR B 162 21.24 3.78 -10.36
N ASN B 163 20.73 3.37 -11.52
CA ASN B 163 20.42 4.33 -12.57
C ASN B 163 18.93 4.78 -12.47
N ARG B 164 18.54 5.87 -13.18
CA ARG B 164 17.16 6.38 -13.30
C ARG B 164 16.57 5.66 -14.51
N ASP B 165 15.36 5.07 -14.35
CA ASP B 165 14.68 4.25 -15.38
C ASP B 165 14.64 4.83 -16.82
N SER B 166 14.67 3.89 -17.82
CA SER B 166 14.55 4.13 -19.27
C SER B 166 13.59 3.10 -19.84
N SER B 171 19.74 0.46 -21.74
CA SER B 171 20.69 1.06 -20.78
C SER B 171 20.86 0.21 -19.50
N LEU B 172 21.93 0.49 -18.72
CA LEU B 172 22.27 -0.21 -17.47
C LEU B 172 21.35 0.20 -16.29
N GLY B 173 20.67 -0.79 -15.69
CA GLY B 173 19.78 -0.55 -14.57
C GLY B 173 20.51 -0.14 -13.30
N GLY B 174 21.58 -0.86 -13.05
CA GLY B 174 22.47 -0.59 -11.93
C GLY B 174 23.69 -1.47 -12.01
N GLN B 175 24.58 -1.36 -11.00
CA GLN B 175 25.79 -2.17 -10.92
C GLN B 175 26.36 -2.16 -9.51
N ILE B 176 26.88 -3.29 -9.09
CA ILE B 176 27.59 -3.49 -7.85
C ILE B 176 29.00 -3.90 -8.23
N VAL B 177 29.98 -3.26 -7.63
CA VAL B 177 31.37 -3.59 -7.84
C VAL B 177 31.82 -4.18 -6.54
N LEU B 178 32.33 -5.41 -6.58
CA LEU B 178 32.87 -6.07 -5.38
C LEU B 178 34.38 -5.88 -5.37
N GLY B 179 34.88 -5.20 -4.34
CA GLY B 179 36.30 -4.89 -4.13
C GLY B 179 36.81 -3.61 -4.74
N GLY B 180 35.97 -2.57 -4.75
CA GLY B 180 36.26 -1.28 -5.35
C GLY B 180 35.03 -0.56 -5.90
N SER B 181 35.26 0.54 -6.69
CA SER B 181 34.26 1.41 -7.32
C SER B 181 34.49 1.51 -8.82
N ASP B 182 33.46 1.86 -9.59
CA ASP B 182 33.60 2.03 -11.03
C ASP B 182 33.60 3.52 -11.36
N PRO B 183 34.80 4.09 -11.64
CA PRO B 183 34.88 5.53 -11.98
C PRO B 183 34.02 6.01 -13.12
N GLN B 184 33.54 5.10 -13.98
CA GLN B 184 32.65 5.46 -15.09
C GLN B 184 31.24 5.83 -14.59
N HIS B 185 30.89 5.37 -13.39
CA HIS B 185 29.59 5.64 -12.81
C HIS B 185 29.55 6.69 -11.71
N TYR B 186 30.62 7.47 -11.57
CA TYR B 186 30.61 8.60 -10.64
C TYR B 186 31.56 9.69 -11.14
N GLU B 187 31.36 10.91 -10.61
CA GLU B 187 32.18 12.07 -10.93
C GLU B 187 32.74 12.66 -9.66
N GLY B 188 33.90 13.30 -9.75
CA GLY B 188 34.51 13.90 -8.58
C GLY B 188 35.19 12.85 -7.74
N ASN B 189 35.33 13.16 -6.47
CA ASN B 189 35.98 12.31 -5.50
C ASN B 189 35.00 11.95 -4.43
N PHE B 190 35.22 10.81 -3.79
CA PHE B 190 34.41 10.34 -2.66
C PHE B 190 34.67 11.14 -1.42
N HIS B 191 33.62 11.39 -0.63
CA HIS B 191 33.77 11.90 0.72
C HIS B 191 33.20 10.82 1.62
N TYR B 192 33.91 10.56 2.70
CA TYR B 192 33.58 9.51 3.65
C TYR B 192 32.98 9.97 4.97
N ILE B 193 32.15 9.09 5.54
CA ILE B 193 31.48 9.28 6.84
C ILE B 193 31.67 7.98 7.60
N ASN B 194 32.27 8.05 8.80
CA ASN B 194 32.51 6.83 9.58
C ASN B 194 31.22 6.31 10.15
N LEU B 195 31.12 5.00 10.36
CA LEU B 195 29.93 4.42 10.96
C LEU B 195 29.89 4.79 12.42
N ILE B 196 28.69 5.00 12.97
CA ILE B 196 28.54 5.26 14.42
C ILE B 196 29.23 4.07 15.17
N LYS B 197 28.89 2.83 14.73
CA LYS B 197 29.44 1.58 15.23
C LYS B 197 29.48 0.56 14.12
N THR B 198 30.44 -0.37 14.19
CA THR B 198 30.52 -1.51 13.26
C THR B 198 29.33 -2.44 13.57
N GLY B 199 28.84 -3.15 12.57
CA GLY B 199 27.69 -4.04 12.78
C GLY B 199 26.43 -3.62 12.06
N VAL B 200 26.38 -2.33 11.64
CA VAL B 200 25.25 -1.73 10.93
C VAL B 200 25.77 -0.61 10.00
N TRP B 201 25.22 -0.51 8.77
CA TRP B 201 25.60 0.54 7.80
C TRP B 201 24.79 1.81 8.11
N GLN B 202 25.06 2.38 9.28
CA GLN B 202 24.38 3.53 9.83
C GLN B 202 25.41 4.57 10.29
N ILE B 203 25.20 5.83 9.87
CA ILE B 203 26.03 6.99 10.10
C ILE B 203 25.21 8.07 10.80
N GLN B 204 25.88 9.05 11.44
CA GLN B 204 25.27 10.21 12.10
C GLN B 204 24.89 11.24 11.02
N MET B 205 23.68 11.78 11.12
CA MET B 205 23.18 12.82 10.22
C MET B 205 23.03 14.08 11.06
N LYS B 206 23.54 15.23 10.59
CA LYS B 206 23.51 16.45 11.40
C LYS B 206 22.43 17.46 11.05
N GLY B 207 21.59 17.15 10.07
CA GLY B 207 20.51 18.03 9.66
C GLY B 207 19.92 17.75 8.31
N VAL B 208 18.63 18.07 8.13
CA VAL B 208 17.87 17.90 6.88
C VAL B 208 17.29 19.28 6.56
N SER B 209 17.61 19.82 5.37
CA SER B 209 17.21 21.15 4.94
C SER B 209 16.27 21.15 3.77
N VAL B 210 15.38 22.13 3.75
CA VAL B 210 14.46 22.41 2.65
C VAL B 210 14.90 23.81 2.18
N GLY B 211 15.39 23.86 0.96
CA GLY B 211 15.99 25.07 0.42
C GLY B 211 17.30 25.36 1.14
N SER B 212 17.42 26.58 1.69
CA SER B 212 18.63 27.06 2.39
C SER B 212 18.45 27.13 3.91
N SER B 213 17.46 26.39 4.44
CA SER B 213 17.18 26.39 5.88
C SER B 213 16.96 24.99 6.44
N THR B 214 17.61 24.72 7.60
CA THR B 214 17.49 23.45 8.31
C THR B 214 16.15 23.33 8.99
N LEU B 215 15.40 22.31 8.58
CA LEU B 215 14.07 22.04 9.05
C LEU B 215 14.01 20.95 10.09
N LEU B 216 14.72 19.86 9.88
CA LEU B 216 14.68 18.72 10.80
C LEU B 216 16.07 18.32 11.20
N CYS B 217 16.17 17.36 12.16
CA CYS B 217 17.41 16.72 12.59
C CYS B 217 18.47 17.75 13.02
N GLU B 218 18.01 18.92 13.55
CA GLU B 218 18.84 20.06 13.98
C GLU B 218 19.86 19.68 15.03
N ASP B 219 19.47 18.78 15.93
CA ASP B 219 20.30 18.29 17.03
C ASP B 219 20.90 16.90 16.78
N GLY B 220 20.91 16.52 15.51
CA GLY B 220 21.45 15.24 15.07
C GLY B 220 20.47 14.10 15.14
N CYS B 221 20.64 13.13 14.21
CA CYS B 221 19.86 11.90 14.09
C CYS B 221 20.66 10.83 13.35
N LEU B 222 20.12 9.61 13.22
CA LEU B 222 20.79 8.50 12.52
C LEU B 222 20.30 8.37 11.07
N ALA B 223 21.18 7.90 10.19
CA ALA B 223 20.83 7.64 8.79
C ALA B 223 21.37 6.28 8.42
N LEU B 224 20.49 5.37 8.04
CA LEU B 224 20.84 4.04 7.60
C LEU B 224 21.01 4.09 6.08
N VAL B 225 22.16 3.64 5.56
CA VAL B 225 22.40 3.64 4.12
C VAL B 225 21.99 2.24 3.60
N ASP B 226 20.69 2.13 3.24
CA ASP B 226 20.01 0.89 2.85
C ASP B 226 19.75 0.78 1.37
N THR B 227 20.51 -0.09 0.70
CA THR B 227 20.40 -0.32 -0.73
C THR B 227 19.14 -1.14 -1.06
N GLY B 228 18.60 -1.79 -0.04
CA GLY B 228 17.42 -2.64 -0.12
C GLY B 228 16.10 -1.87 -0.04
N ALA B 229 16.14 -0.61 0.45
CA ALA B 229 14.99 0.28 0.59
C ALA B 229 14.81 1.08 -0.73
N SER B 230 13.57 1.15 -1.26
CA SER B 230 13.25 1.82 -2.53
C SER B 230 13.41 3.35 -2.48
N TYR B 231 13.14 3.95 -1.31
CA TYR B 231 13.09 5.39 -1.10
C TYR B 231 14.00 5.91 -0.01
N ILE B 232 13.93 7.26 0.20
CA ILE B 232 14.54 7.96 1.34
C ILE B 232 13.39 7.93 2.37
N SER B 233 13.71 7.57 3.60
CA SER B 233 12.67 7.52 4.62
C SER B 233 13.09 8.13 5.96
N GLY B 234 12.11 8.65 6.66
CA GLY B 234 12.23 9.17 7.99
C GLY B 234 11.07 8.63 8.80
N SER B 235 11.06 8.95 10.09
CA SER B 235 9.97 8.58 10.98
C SER B 235 8.70 9.27 10.50
N THR B 236 7.51 8.74 10.89
CA THR B 236 6.24 9.33 10.55
C THR B 236 6.23 10.84 10.86
N SER B 237 6.67 11.24 12.07
CA SER B 237 6.68 12.67 12.44
C SER B 237 7.67 13.53 11.64
N SER B 238 8.81 12.98 11.23
CA SER B 238 9.80 13.72 10.44
C SER B 238 9.25 13.98 9.05
N ILE B 239 8.65 12.95 8.43
CA ILE B 239 8.09 13.04 7.08
C ILE B 239 6.85 13.92 7.07
N GLU B 240 6.04 13.88 8.17
CA GLU B 240 4.88 14.74 8.34
C GLU B 240 5.33 16.22 8.23
N LYS B 241 6.41 16.60 8.95
CA LYS B 241 6.98 17.95 8.96
C LYS B 241 7.61 18.37 7.64
N LEU B 242 8.37 17.46 7.02
CA LEU B 242 9.06 17.65 5.75
C LEU B 242 8.05 17.85 4.60
N MET B 243 6.98 17.04 4.59
CA MET B 243 5.94 17.12 3.57
C MET B 243 5.07 18.36 3.72
N GLU B 244 4.92 18.85 4.96
CA GLU B 244 4.21 20.08 5.25
C GLU B 244 4.99 21.23 4.58
N ALA B 245 6.33 21.26 4.81
CA ALA B 245 7.24 22.25 4.25
C ALA B 245 7.24 22.26 2.72
N LEU B 246 7.17 21.08 2.08
CA LEU B 246 7.15 20.91 0.62
C LEU B 246 5.80 21.24 0.02
N GLY B 247 4.75 21.21 0.85
CA GLY B 247 3.39 21.42 0.41
C GLY B 247 2.79 20.19 -0.26
N ALA B 248 3.33 18.99 0.06
CA ALA B 248 2.85 17.72 -0.48
C ALA B 248 1.64 17.24 0.33
N LYS B 249 0.73 16.48 -0.32
CA LYS B 249 -0.48 15.97 0.32
C LYS B 249 -0.47 14.47 0.49
N LYS B 250 -0.83 13.99 1.70
CA LYS B 250 -0.83 12.56 1.98
C LYS B 250 -1.95 11.78 1.30
N ARG B 251 -1.59 10.58 0.81
CA ARG B 251 -2.48 9.55 0.28
C ARG B 251 -2.26 8.32 1.17
N LEU B 252 -2.73 7.16 0.78
CA LEU B 252 -2.54 5.99 1.63
C LEU B 252 -1.09 5.55 1.83
N PHE B 253 -0.34 5.34 0.76
CA PHE B 253 1.06 4.87 0.85
C PHE B 253 2.13 5.91 0.53
N ASP B 254 1.72 7.06 0.00
CA ASP B 254 2.67 8.08 -0.40
C ASP B 254 2.13 9.48 -0.22
N TYR B 255 2.92 10.46 -0.68
CA TYR B 255 2.62 11.89 -0.70
C TYR B 255 2.71 12.28 -2.15
N VAL B 256 1.84 13.20 -2.56
CA VAL B 256 1.78 13.65 -3.95
C VAL B 256 1.81 15.18 -4.01
N VAL B 257 2.11 15.66 -5.21
CA VAL B 257 2.05 17.06 -5.59
C VAL B 257 1.34 17.10 -6.97
N LYS B 258 0.71 18.24 -7.36
CA LYS B 258 0.12 18.35 -8.71
C LYS B 258 1.35 18.29 -9.63
N CYS B 259 1.33 17.47 -10.68
CA CYS B 259 2.48 17.30 -11.57
C CYS B 259 3.18 18.58 -12.05
N ASN B 260 2.40 19.64 -12.33
CA ASN B 260 2.92 20.95 -12.79
C ASN B 260 3.74 21.68 -11.70
N GLU B 261 3.41 21.44 -10.43
CA GLU B 261 4.03 22.01 -9.23
C GLU B 261 5.36 21.32 -8.79
N GLY B 262 5.56 20.11 -9.28
CA GLY B 262 6.72 19.26 -9.01
C GLY B 262 8.07 19.86 -9.36
N PRO B 263 8.28 20.37 -10.60
CA PRO B 263 9.61 20.94 -10.94
C PRO B 263 9.99 22.22 -10.20
N THR B 264 9.04 22.79 -9.43
CA THR B 264 9.27 24.01 -8.67
C THR B 264 9.55 23.73 -7.19
N LEU B 265 9.48 22.45 -6.78
CA LEU B 265 9.72 22.06 -5.39
C LEU B 265 11.19 22.34 -4.96
N PRO B 266 11.40 22.78 -3.73
CA PRO B 266 12.75 23.13 -3.30
C PRO B 266 13.70 21.93 -3.19
N ASP B 267 15.02 22.20 -3.20
CA ASP B 267 16.05 21.18 -3.02
C ASP B 267 15.97 20.73 -1.57
N ILE B 268 16.31 19.46 -1.34
CA ILE B 268 16.37 18.85 -0.01
C ILE B 268 17.80 18.41 0.20
N SER B 269 18.37 18.77 1.35
CA SER B 269 19.76 18.48 1.70
C SER B 269 19.90 17.68 2.97
N PHE B 270 20.84 16.74 2.95
CA PHE B 270 21.16 15.86 4.06
C PHE B 270 22.60 16.18 4.45
N HIS B 271 22.78 16.67 5.68
CA HIS B 271 24.10 17.04 6.21
C HIS B 271 24.77 15.82 6.82
N LEU B 272 25.67 15.21 6.04
CA LEU B 272 26.40 13.99 6.40
C LEU B 272 27.89 14.25 6.34
N GLY B 273 28.61 13.93 7.43
CA GLY B 273 30.04 14.16 7.56
C GLY B 273 30.29 15.65 7.46
N GLY B 274 31.17 16.04 6.55
CA GLY B 274 31.40 17.46 6.31
C GLY B 274 30.36 18.04 5.36
N LYS B 275 30.13 17.33 4.26
CA LYS B 275 29.25 17.68 3.15
C LYS B 275 27.73 17.83 3.38
N GLU B 276 27.09 18.58 2.47
CA GLU B 276 25.67 18.76 2.36
C GLU B 276 25.31 17.94 1.11
N TYR B 277 24.41 16.93 1.23
CA TYR B 277 24.01 16.08 0.09
C TYR B 277 22.66 16.50 -0.40
N THR B 278 22.65 17.10 -1.60
CA THR B 278 21.47 17.72 -2.18
C THR B 278 20.77 16.91 -3.25
N LEU B 279 19.45 16.72 -3.06
CA LEU B 279 18.56 16.12 -4.04
C LEU B 279 17.67 17.26 -4.53
N THR B 280 17.60 17.47 -5.84
CA THR B 280 16.73 18.48 -6.47
C THR B 280 15.36 17.79 -6.71
N SER B 281 14.32 18.56 -7.06
CA SER B 281 12.99 18.00 -7.34
C SER B 281 13.01 16.86 -8.38
N ALA B 282 13.90 16.96 -9.39
CA ALA B 282 14.10 15.95 -10.42
C ALA B 282 14.59 14.61 -9.85
N ASP B 283 15.26 14.64 -8.67
CA ASP B 283 15.79 13.45 -8.01
C ASP B 283 14.79 12.77 -7.08
N TYR B 284 13.75 13.47 -6.64
CA TYR B 284 12.76 12.90 -5.72
C TYR B 284 11.29 12.96 -6.16
N VAL B 285 11.02 13.52 -7.33
CA VAL B 285 9.66 13.54 -7.82
C VAL B 285 9.55 12.52 -8.96
N PHE B 286 8.58 11.61 -8.90
CA PHE B 286 8.31 10.71 -10.01
C PHE B 286 7.46 11.59 -10.97
N GLN B 287 8.17 12.28 -11.88
CA GLN B 287 7.64 13.22 -12.86
C GLN B 287 7.12 12.45 -14.07
N GLU B 288 5.96 11.82 -13.91
CA GLU B 288 5.34 11.00 -14.94
C GLU B 288 4.53 11.85 -15.95
N SER B 289 4.36 13.14 -15.64
CA SER B 289 3.57 14.08 -16.41
C SER B 289 3.91 15.49 -15.93
N TYR B 290 3.50 16.51 -16.69
CA TYR B 290 3.68 17.91 -16.31
C TYR B 290 2.33 18.59 -16.18
N SER B 291 1.25 17.78 -16.27
CA SER B 291 -0.13 18.25 -16.20
C SER B 291 -0.56 18.74 -14.81
N SER B 292 -1.40 19.79 -14.78
CA SER B 292 -1.96 20.37 -13.55
C SER B 292 -3.17 19.54 -13.13
N LYS B 293 -3.64 18.66 -14.03
CA LYS B 293 -4.80 17.80 -13.86
C LYS B 293 -4.40 16.44 -13.33
N LYS B 294 -3.08 16.19 -13.19
CA LYS B 294 -2.51 14.93 -12.71
C LYS B 294 -1.70 15.07 -11.42
N LEU B 295 -1.61 13.97 -10.62
CA LEU B 295 -0.84 13.94 -9.38
C LEU B 295 0.46 13.15 -9.54
N CYS B 296 1.56 13.69 -9.00
CA CYS B 296 2.89 13.09 -9.08
C CYS B 296 3.38 12.71 -7.69
N THR B 297 3.90 11.48 -7.57
CA THR B 297 4.40 10.87 -6.32
C THR B 297 5.82 11.32 -5.99
N LEU B 298 6.11 11.41 -4.68
CA LEU B 298 7.43 11.72 -4.14
C LEU B 298 8.14 10.42 -3.72
N ALA B 299 9.43 10.33 -4.03
CA ALA B 299 10.28 9.17 -3.72
C ALA B 299 10.81 9.23 -2.27
N ILE B 300 10.05 9.87 -1.37
CA ILE B 300 10.32 10.01 0.07
C ILE B 300 9.06 9.56 0.75
N HIS B 301 9.16 8.58 1.60
CA HIS B 301 8.06 7.99 2.34
C HIS B 301 8.39 7.94 3.83
N ALA B 302 7.43 7.62 4.69
CA ALA B 302 7.71 7.42 6.09
C ALA B 302 7.89 5.90 6.32
N MET B 303 8.89 5.55 7.13
CA MET B 303 9.19 4.18 7.50
C MET B 303 9.67 4.23 8.95
N ASP B 304 8.88 3.63 9.85
CA ASP B 304 9.25 3.62 11.26
C ASP B 304 10.01 2.34 11.53
N ILE B 305 11.34 2.41 11.35
CA ILE B 305 12.23 1.29 11.59
C ILE B 305 12.26 0.99 13.11
N PRO B 306 11.99 -0.27 13.53
CA PRO B 306 11.99 -0.56 14.97
C PRO B 306 13.40 -0.65 15.59
N PRO B 307 13.50 -0.41 16.92
CA PRO B 307 14.77 -0.60 17.62
C PRO B 307 15.27 -2.04 17.53
N PRO B 308 16.59 -2.29 17.66
CA PRO B 308 17.69 -1.35 17.98
C PRO B 308 18.15 -0.42 16.85
N THR B 309 18.00 -0.81 15.58
CA THR B 309 18.42 0.00 14.43
C THR B 309 17.67 1.35 14.34
N GLY B 310 16.37 1.31 14.63
CA GLY B 310 15.51 2.50 14.60
C GLY B 310 15.24 3.11 15.96
N PRO B 311 14.59 4.29 16.03
CA PRO B 311 14.14 5.16 14.93
C PRO B 311 15.32 5.79 14.20
N THR B 312 15.24 5.77 12.86
CA THR B 312 16.28 6.30 12.00
C THR B 312 15.72 6.72 10.66
N TRP B 313 16.51 7.50 9.95
CA TRP B 313 16.22 7.79 8.58
C TRP B 313 16.90 6.65 7.81
N ALA B 314 16.46 6.40 6.58
CA ALA B 314 17.03 5.38 5.70
C ALA B 314 17.22 6.01 4.34
N LEU B 315 18.46 5.99 3.85
CA LEU B 315 18.77 6.53 2.55
C LEU B 315 18.80 5.37 1.58
N GLY B 316 17.68 5.14 0.91
CA GLY B 316 17.55 4.07 -0.05
C GLY B 316 17.87 4.46 -1.46
N ALA B 317 17.30 3.73 -2.44
CA ALA B 317 17.48 3.94 -3.87
C ALA B 317 17.37 5.39 -4.36
N THR B 318 16.50 6.19 -3.74
CA THR B 318 16.30 7.61 -4.09
C THR B 318 17.60 8.40 -3.90
N PHE B 319 18.28 8.19 -2.76
CA PHE B 319 19.56 8.80 -2.43
C PHE B 319 20.69 8.20 -3.30
N ILE B 320 20.76 6.85 -3.37
CA ILE B 320 21.78 6.09 -4.13
C ILE B 320 21.79 6.41 -5.61
N ARG B 321 20.62 6.69 -6.23
CA ARG B 321 20.56 7.08 -7.64
C ARG B 321 21.36 8.35 -7.90
N LYS B 322 21.30 9.32 -6.96
CA LYS B 322 22.01 10.59 -6.97
C LYS B 322 23.46 10.43 -6.59
N PHE B 323 23.71 9.66 -5.53
CA PHE B 323 25.08 9.47 -5.03
C PHE B 323 25.60 8.03 -5.07
N TYR B 324 26.56 7.77 -5.96
CA TYR B 324 27.26 6.50 -6.06
C TYR B 324 27.85 6.26 -4.65
N THR B 325 27.55 5.08 -4.06
CA THR B 325 27.91 4.71 -2.68
C THR B 325 28.92 3.58 -2.63
N GLU B 326 29.95 3.75 -1.79
CA GLU B 326 31.00 2.78 -1.57
C GLU B 326 30.94 2.35 -0.11
N PHE B 327 30.77 1.05 0.14
CA PHE B 327 30.72 0.52 1.50
C PHE B 327 32.10 -0.05 1.83
N ASP B 328 32.78 0.60 2.78
CA ASP B 328 34.13 0.27 3.17
C ASP B 328 34.19 -0.46 4.49
N ARG B 329 34.41 -1.77 4.38
CA ARG B 329 34.49 -2.66 5.52
C ARG B 329 35.82 -2.61 6.23
N ARG B 330 36.94 -2.36 5.50
CA ARG B 330 38.28 -2.26 6.10
C ARG B 330 38.31 -1.09 7.09
N ASN B 331 37.72 0.03 6.66
CA ASN B 331 37.74 1.28 7.40
C ASN B 331 36.45 1.67 8.17
N ASN B 332 35.34 0.88 8.03
CA ASN B 332 34.03 1.11 8.66
C ASN B 332 33.52 2.52 8.38
N ARG B 333 33.30 2.76 7.09
CA ARG B 333 32.84 4.03 6.56
C ARG B 333 32.07 3.81 5.27
N ILE B 334 31.31 4.83 4.89
CA ILE B 334 30.55 4.89 3.63
C ILE B 334 31.03 6.14 2.87
N GLY B 335 31.31 5.95 1.59
CA GLY B 335 31.75 7.02 0.71
C GLY B 335 30.71 7.35 -0.34
N PHE B 336 30.50 8.67 -0.58
CA PHE B 336 29.56 9.18 -1.56
C PHE B 336 30.25 10.07 -2.58
N ALA B 337 29.89 9.86 -3.84
CA ALA B 337 30.33 10.68 -4.95
C ALA B 337 29.10 10.84 -5.83
N LEU B 338 29.02 11.93 -6.57
CA LEU B 338 27.88 12.18 -7.44
C LEU B 338 27.85 11.13 -8.56
N ALA B 339 26.73 10.41 -8.73
CA ALA B 339 26.61 9.39 -9.77
C ALA B 339 26.51 9.97 -11.19
N ARG B 340 26.78 9.12 -12.21
CA ARG B 340 26.69 9.44 -13.65
C ARG B 340 26.64 8.14 -14.48
C1 NAG C . -19.67 10.30 -25.49
C2 NAG C . -19.92 11.02 -26.81
C3 NAG C . -19.91 12.53 -26.62
C4 NAG C . -20.89 12.93 -25.51
C5 NAG C . -20.55 12.18 -24.23
C6 NAG C . -21.51 12.48 -23.09
C7 NAG C . -19.19 9.72 -28.79
C8 NAG C . -18.09 9.51 -29.78
N2 NAG C . -18.94 10.63 -27.83
O3 NAG C . -20.28 13.16 -27.84
O4 NAG C . -20.84 14.35 -25.31
O5 NAG C . -20.58 10.76 -24.46
O6 NAG C . -21.55 13.87 -22.77
O7 NAG C . -20.26 9.09 -28.86
N1 0LS D . -15.63 5.16 -1.64
C2 0LS D . -14.84 4.01 -1.20
C3 0LS D . -13.36 4.49 -1.14
C4 0LS D . -13.40 5.95 -1.62
C5 0LS D . -14.72 6.01 -2.39
C6 0LS D . -13.21 7.01 -0.51
C7 0LS D . -13.37 8.43 -1.05
C8 0LS D . -12.36 3.64 -1.96
N9 0LS D . -12.32 2.22 -1.59
C10 0LS D . -11.92 1.81 -0.35
C11 0LS D . -12.55 1.31 -2.57
C12 0LS D . -11.13 2.68 0.45
C13 0LS D . -10.61 2.24 1.67
C14 0LS D . -10.89 0.93 2.11
C15 0LS D . -11.65 0.05 1.32
C16 0LS D . -12.14 0.48 0.09
C17 0LS D . -11.50 0.77 -3.35
C18 0LS D . -11.76 -0.14 -4.41
C19 0LS D . -13.09 -0.49 -4.69
C20 0LS D . -14.14 0.06 -3.94
C21 0LS D . -13.87 0.94 -2.89
C22 0LS D . -14.62 9.11 -0.93
C23 0LS D . -14.78 10.42 -1.43
C24 0LS D . -13.70 11.05 -2.06
C25 0LS D . -12.45 10.38 -2.20
C26 0LS D . -12.28 9.07 -1.68
CL2 0LS D . -10.22 0.33 3.59
N1 0LS E . -7.99 -4.38 4.21
C2 0LS E . -7.68 -3.12 3.54
C3 0LS E . -8.28 -3.21 2.11
C4 0LS E . -9.11 -4.52 2.08
C5 0LS E . -9.22 -4.89 3.59
C6 0LS E . -10.48 -4.50 1.36
C7 0LS E . -10.40 -4.13 -0.12
C8 0LS E . -7.25 -3.16 0.97
N9 0LS E . -6.44 -1.94 0.84
C10 0LS E . -6.94 -0.81 0.21
C11 0LS E . -5.12 -2.06 1.21
C12 0LS E . -6.05 0.22 -0.15
C13 0LS E . -6.50 1.33 -0.89
C14 0LS E . -7.82 1.42 -1.32
C15 0LS E . -8.72 0.40 -1.00
C16 0LS E . -8.28 -0.70 -0.24
C17 0LS E . -4.62 -1.50 2.40
C18 0LS E . -3.27 -1.70 2.77
C19 0LS E . -2.41 -2.48 1.97
C20 0LS E . -2.89 -3.02 0.76
C21 0LS E . -4.24 -2.82 0.41
C22 0LS E . -11.12 -3.00 -0.49
C23 0LS E . -11.12 -2.58 -1.82
C24 0LS E . -10.40 -3.26 -2.81
C25 0LS E . -9.68 -4.42 -2.47
C26 0LS E . -9.68 -4.85 -1.12
CL2 0LS E . -8.35 2.80 -2.25
S SO4 F . -16.53 -2.64 0.31
O1 SO4 F . -15.07 -2.50 0.07
O2 SO4 F . -16.85 -2.44 1.75
O3 SO4 F . -17.25 -1.65 -0.40
O4 SO4 F . -17.05 -3.90 -0.22
C1 NAG G . 23.58 -26.13 11.09
C2 NAG G . 24.14 -27.33 11.87
C3 NAG G . 24.56 -26.91 13.27
C4 NAG G . 25.52 -25.73 13.22
C5 NAG G . 24.92 -24.58 12.42
C6 NAG G . 25.92 -23.46 12.19
C7 NAG G . 23.23 -29.50 11.11
C8 NAG G . 22.18 -30.54 11.35
N2 NAG G . 23.19 -28.42 11.91
O3 NAG G . 25.18 -28.02 13.91
O4 NAG G . 25.83 -25.29 14.53
O5 NAG G . 24.52 -25.04 11.11
O6 NAG G . 25.56 -22.61 11.10
O7 NAG G . 24.08 -29.62 10.22
N1 0LS H . 16.60 -3.47 4.17
C2 0LS H . 15.52 -3.20 3.20
C3 0LS H . 14.22 -3.08 4.03
C4 0LS H . 14.64 -3.34 5.49
C5 0LS H . 15.98 -4.10 5.36
C6 0LS H . 14.63 -2.07 6.38
C7 0LS H . 15.14 -2.37 7.79
C8 0LS H . 13.10 -4.06 3.60
N9 0LS H . 12.69 -3.90 2.20
C10 0LS H . 12.13 -2.75 1.74
C11 0LS H . 12.75 -5.00 1.40
C12 0LS H . 11.54 -1.84 2.64
C13 0LS H . 10.86 -0.70 2.19
C14 0LS H . 10.78 -0.47 0.81
C15 0LS H . 11.33 -1.36 -0.11
C16 0LS H . 11.97 -2.50 0.36
C17 0LS H . 13.88 -5.23 0.62
C18 0LS H . 13.99 -6.39 -0.17
C19 0LS H . 12.95 -7.35 -0.20
C20 0LS H . 11.80 -7.15 0.57
C21 0LS H . 11.71 -5.98 1.37
C22 0LS H . 16.49 -2.12 8.11
C23 0LS H . 16.95 -2.41 9.41
C24 0LS H . 16.06 -2.92 10.38
C25 0LS H . 14.71 -3.16 10.07
C26 0LS H . 14.25 -2.87 8.75
CL2 0LS H . 9.92 0.93 0.22
N1 0LS I . 6.57 0.70 -3.81
C2 0LS I . 6.65 0.25 -2.41
C3 0LS I . 7.29 -1.16 -2.44
C4 0LS I . 7.72 -1.38 -3.90
C5 0LS I . 7.66 0.03 -4.52
C6 0LS I . 9.10 -2.07 -4.17
C7 0LS I . 9.19 -3.49 -3.59
C8 0LS I . 6.33 -2.29 -1.96
N9 0LS I . 5.88 -2.21 -0.54
C10 0LS I . 6.69 -2.69 0.48
C11 0LS I . 4.57 -1.86 -0.28
C12 0LS I . 6.15 -2.91 1.78
C13 0LS I . 6.86 -3.48 2.84
C14 0LS I . 8.16 -3.89 2.60
C15 0LS I . 8.74 -3.71 1.33
C16 0LS I . 8.01 -3.12 0.29
C17 0LS I . 3.55 -2.84 -0.40
C18 0LS I . 2.19 -2.56 -0.14
C19 0LS I . 1.82 -1.26 0.22
C20 0LS I . 2.80 -0.27 0.35
C21 0LS I . 4.16 -0.56 0.09
C22 0LS I . 8.44 -4.64 -4.03
C23 0LS I . 8.61 -5.91 -3.41
C24 0LS I . 9.54 -6.02 -2.38
C25 0LS I . 10.28 -4.90 -1.94
C26 0LS I . 10.14 -3.66 -2.57
CL2 0LS I . 9.06 -4.59 3.94
S SO4 J . 15.31 -2.62 -3.70
O1 SO4 J . 16.58 -2.88 -3.11
O2 SO4 J . 15.31 -1.15 -3.88
O3 SO4 J . 15.30 -3.36 -4.96
O4 SO4 J . 14.16 -3.09 -2.89
S SO4 K . 12.99 9.76 -9.15
O1 SO4 K . 13.62 9.27 -7.91
O2 SO4 K . 13.69 10.91 -9.70
O3 SO4 K . 12.96 8.73 -10.20
O4 SO4 K . 11.63 10.15 -8.83
#